data_1LEP
# 
_entry.id   1LEP 
# 
_audit_conform.dict_name       mmcif_pdbx.dic 
_audit_conform.dict_version    5.386 
_audit_conform.dict_location   http://mmcif.pdb.org/dictionaries/ascii/mmcif_pdbx.dic 
# 
loop_
_database_2.database_id 
_database_2.database_code 
_database_2.pdbx_database_accession 
_database_2.pdbx_DOI 
PDB   1LEP         pdb_00001lep 10.2210/pdb1lep/pdb 
WWPDB D_1000174688 ?            ?                   
# 
loop_
_pdbx_audit_revision_history.ordinal 
_pdbx_audit_revision_history.data_content_type 
_pdbx_audit_revision_history.major_revision 
_pdbx_audit_revision_history.minor_revision 
_pdbx_audit_revision_history.revision_date 
1 'Structure model' 1 0 1997-01-11 
2 'Structure model' 1 1 2008-03-24 
3 'Structure model' 1 2 2011-07-13 
4 'Structure model' 1 3 2024-02-14 
# 
_pdbx_audit_revision_details.ordinal             1 
_pdbx_audit_revision_details.revision_ordinal    1 
_pdbx_audit_revision_details.data_content_type   'Structure model' 
_pdbx_audit_revision_details.provider            repository 
_pdbx_audit_revision_details.type                'Initial release' 
_pdbx_audit_revision_details.description         ? 
_pdbx_audit_revision_details.details             ? 
# 
loop_
_pdbx_audit_revision_group.ordinal 
_pdbx_audit_revision_group.revision_ordinal 
_pdbx_audit_revision_group.data_content_type 
_pdbx_audit_revision_group.group 
1 2 'Structure model' 'Version format compliance' 
2 3 'Structure model' 'Version format compliance' 
3 4 'Structure model' 'Data collection'           
4 4 'Structure model' 'Database references'       
5 4 'Structure model' Other                       
# 
loop_
_pdbx_audit_revision_category.ordinal 
_pdbx_audit_revision_category.revision_ordinal 
_pdbx_audit_revision_category.data_content_type 
_pdbx_audit_revision_category.category 
1 4 'Structure model' chem_comp_atom       
2 4 'Structure model' chem_comp_bond       
3 4 'Structure model' database_2           
4 4 'Structure model' pdbx_database_status 
# 
loop_
_pdbx_audit_revision_item.ordinal 
_pdbx_audit_revision_item.revision_ordinal 
_pdbx_audit_revision_item.data_content_type 
_pdbx_audit_revision_item.item 
1 4 'Structure model' '_database_2.pdbx_DOI'                
2 4 'Structure model' '_database_2.pdbx_database_accession' 
3 4 'Structure model' '_pdbx_database_status.process_site'  
# 
_pdbx_database_status.status_code                     REL 
_pdbx_database_status.entry_id                        1LEP 
_pdbx_database_status.recvd_initial_deposition_date   1995-12-13 
_pdbx_database_status.deposit_site                    ? 
_pdbx_database_status.process_site                    BNL 
_pdbx_database_status.SG_entry                        . 
_pdbx_database_status.pdb_format_compatible           Y 
_pdbx_database_status.status_code_mr                  ? 
_pdbx_database_status.status_code_sf                  ? 
_pdbx_database_status.status_code_cs                  ? 
_pdbx_database_status.status_code_nmr_data            ? 
_pdbx_database_status.methods_development_category    ? 
# 
loop_
_audit_author.name 
_audit_author.pdbx_ordinal 
'Mande, S.C.' 1 
'Hol, W.G.J.' 2 
# 
_citation.id                        primary 
_citation.title                     'Structure of the heat shock protein chaperonin-10 of Mycobacterium leprae.' 
_citation.journal_abbrev            Science 
_citation.journal_volume            271 
_citation.page_first                203 
_citation.page_last                 207 
_citation.year                      1996 
_citation.journal_id_ASTM           SCIEAS 
_citation.country                   US 
_citation.journal_id_ISSN           0036-8075 
_citation.journal_id_CSD            0038 
_citation.book_publisher            ? 
_citation.pdbx_database_id_PubMed   8539620 
_citation.pdbx_database_id_DOI      ? 
# 
loop_
_citation_author.citation_id 
_citation_author.name 
_citation_author.ordinal 
_citation_author.identifier_ORCID 
primary 'Mande, S.C.' 1 ? 
primary 'Mehra, V.'   2 ? 
primary 'Bloom, B.R.' 3 ? 
primary 'Hol, W.G.'   4 ? 
# 
_entity.id                         1 
_entity.type                       polymer 
_entity.src_method                 nat 
_entity.pdbx_description           CHAPERONIN-10 
_entity.formula_weight             10682.150 
_entity.pdbx_number_of_molecules   7 
_entity.pdbx_ec                    ? 
_entity.pdbx_mutation              ? 
_entity.pdbx_fragment              ? 
_entity.details                    ? 
# 
_entity_name_com.entity_id   1 
_entity_name_com.name        ML10 
# 
_entity_poly.entity_id                      1 
_entity_poly.type                           'polypeptide(L)' 
_entity_poly.nstd_linkage                   no 
_entity_poly.nstd_monomer                   no 
_entity_poly.pdbx_seq_one_letter_code       
;AKVKIKPLEDKILVQAGEAETMTPSGLVIPENAKEKPQEGTVVAVGPGRWDEDGAKRIPVDVSEGDIVIYSKYGGTEIKY
NGEEYLILSARDVLAVVSK
;
_entity_poly.pdbx_seq_one_letter_code_can   
;AKVKIKPLEDKILVQAGEAETMTPSGLVIPENAKEKPQEGTVVAVGPGRWDEDGAKRIPVDVSEGDIVIYSKYGGTEIKY
NGEEYLILSARDVLAVVSK
;
_entity_poly.pdbx_strand_id                 A,B,C,D,E,F,G 
_entity_poly.pdbx_target_identifier         ? 
# 
loop_
_entity_poly_seq.entity_id 
_entity_poly_seq.num 
_entity_poly_seq.mon_id 
_entity_poly_seq.hetero 
1 1  ALA n 
1 2  LYS n 
1 3  VAL n 
1 4  LYS n 
1 5  ILE n 
1 6  LYS n 
1 7  PRO n 
1 8  LEU n 
1 9  GLU n 
1 10 ASP n 
1 11 LYS n 
1 12 ILE n 
1 13 LEU n 
1 14 VAL n 
1 15 GLN n 
1 16 ALA n 
1 17 GLY n 
1 18 GLU n 
1 19 ALA n 
1 20 GLU n 
1 21 THR n 
1 22 MET n 
1 23 THR n 
1 24 PRO n 
1 25 SER n 
1 26 GLY n 
1 27 LEU n 
1 28 VAL n 
1 29 ILE n 
1 30 PRO n 
1 31 GLU n 
1 32 ASN n 
1 33 ALA n 
1 34 LYS n 
1 35 GLU n 
1 36 LYS n 
1 37 PRO n 
1 38 GLN n 
1 39 GLU n 
1 40 GLY n 
1 41 THR n 
1 42 VAL n 
1 43 VAL n 
1 44 ALA n 
1 45 VAL n 
1 46 GLY n 
1 47 PRO n 
1 48 GLY n 
1 49 ARG n 
1 50 TRP n 
1 51 ASP n 
1 52 GLU n 
1 53 ASP n 
1 54 GLY n 
1 55 ALA n 
1 56 LYS n 
1 57 ARG n 
1 58 ILE n 
1 59 PRO n 
1 60 VAL n 
1 61 ASP n 
1 62 VAL n 
1 63 SER n 
1 64 GLU n 
1 65 GLY n 
1 66 ASP n 
1 67 ILE n 
1 68 VAL n 
1 69 ILE n 
1 70 TYR n 
1 71 SER n 
1 72 LYS n 
1 73 TYR n 
1 74 GLY n 
1 75 GLY n 
1 76 THR n 
1 77 GLU n 
1 78 ILE n 
1 79 LYS n 
1 80 TYR n 
1 81 ASN n 
1 82 GLY n 
1 83 GLU n 
1 84 GLU n 
1 85 TYR n 
1 86 LEU n 
1 87 ILE n 
1 88 LEU n 
1 89 SER n 
1 90 ALA n 
1 91 ARG n 
1 92 ASP n 
1 93 VAL n 
1 94 LEU n 
1 95 ALA n 
1 96 VAL n 
1 97 VAL n 
1 98 SER n 
1 99 LYS n 
# 
_entity_src_nat.entity_id                  1 
_entity_src_nat.pdbx_src_id                1 
_entity_src_nat.pdbx_alt_source_flag       sample 
_entity_src_nat.pdbx_beg_seq_num           ? 
_entity_src_nat.pdbx_end_seq_num           ? 
_entity_src_nat.common_name                ? 
_entity_src_nat.pdbx_organism_scientific   'Mycobacterium leprae' 
_entity_src_nat.pdbx_ncbi_taxonomy_id      1769 
_entity_src_nat.genus                      Mycobacterium 
_entity_src_nat.species                    ? 
_entity_src_nat.strain                     ? 
_entity_src_nat.tissue                     ? 
_entity_src_nat.tissue_fraction            ? 
_entity_src_nat.pdbx_secretion             ? 
_entity_src_nat.pdbx_fragment              ? 
_entity_src_nat.pdbx_variant               ? 
_entity_src_nat.pdbx_cell_line             ? 
_entity_src_nat.pdbx_atcc                  ? 
_entity_src_nat.pdbx_cellular_location     ? 
_entity_src_nat.pdbx_organ                 ? 
_entity_src_nat.pdbx_organelle             ? 
_entity_src_nat.pdbx_cell                  ? 
_entity_src_nat.pdbx_plasmid_name          ? 
_entity_src_nat.pdbx_plasmid_details       ? 
_entity_src_nat.details                    ? 
# 
loop_
_chem_comp.id 
_chem_comp.type 
_chem_comp.mon_nstd_flag 
_chem_comp.name 
_chem_comp.pdbx_synonyms 
_chem_comp.formula 
_chem_comp.formula_weight 
ALA 'L-peptide linking' y ALANINE         ? 'C3 H7 N O2'     89.093  
ARG 'L-peptide linking' y ARGININE        ? 'C6 H15 N4 O2 1' 175.209 
ASN 'L-peptide linking' y ASPARAGINE      ? 'C4 H8 N2 O3'    132.118 
ASP 'L-peptide linking' y 'ASPARTIC ACID' ? 'C4 H7 N O4'     133.103 
GLN 'L-peptide linking' y GLUTAMINE       ? 'C5 H10 N2 O3'   146.144 
GLU 'L-peptide linking' y 'GLUTAMIC ACID' ? 'C5 H9 N O4'     147.129 
GLY 'peptide linking'   y GLYCINE         ? 'C2 H5 N O2'     75.067  
ILE 'L-peptide linking' y ISOLEUCINE      ? 'C6 H13 N O2'    131.173 
LEU 'L-peptide linking' y LEUCINE         ? 'C6 H13 N O2'    131.173 
LYS 'L-peptide linking' y LYSINE          ? 'C6 H15 N2 O2 1' 147.195 
MET 'L-peptide linking' y METHIONINE      ? 'C5 H11 N O2 S'  149.211 
PRO 'L-peptide linking' y PROLINE         ? 'C5 H9 N O2'     115.130 
SER 'L-peptide linking' y SERINE          ? 'C3 H7 N O3'     105.093 
THR 'L-peptide linking' y THREONINE       ? 'C4 H9 N O3'     119.119 
TRP 'L-peptide linking' y TRYPTOPHAN      ? 'C11 H12 N2 O2'  204.225 
TYR 'L-peptide linking' y TYROSINE        ? 'C9 H11 N O3'    181.189 
VAL 'L-peptide linking' y VALINE          ? 'C5 H11 N O2'    117.146 
# 
loop_
_pdbx_poly_seq_scheme.asym_id 
_pdbx_poly_seq_scheme.entity_id 
_pdbx_poly_seq_scheme.seq_id 
_pdbx_poly_seq_scheme.mon_id 
_pdbx_poly_seq_scheme.ndb_seq_num 
_pdbx_poly_seq_scheme.pdb_seq_num 
_pdbx_poly_seq_scheme.auth_seq_num 
_pdbx_poly_seq_scheme.pdb_mon_id 
_pdbx_poly_seq_scheme.auth_mon_id 
_pdbx_poly_seq_scheme.pdb_strand_id 
_pdbx_poly_seq_scheme.pdb_ins_code 
_pdbx_poly_seq_scheme.hetero 
A 1 1  ALA 1  1  1  ALA ALA A . n 
A 1 2  LYS 2  2  2  LYS LYS A . n 
A 1 3  VAL 3  3  3  VAL VAL A . n 
A 1 4  LYS 4  4  4  LYS LYS A . n 
A 1 5  ILE 5  5  5  ILE ILE A . n 
A 1 6  LYS 6  6  6  LYS LYS A . n 
A 1 7  PRO 7  7  7  PRO PRO A . n 
A 1 8  LEU 8  8  8  LEU LEU A . n 
A 1 9  GLU 9  9  9  GLU GLU A . n 
A 1 10 ASP 10 10 10 ASP ASP A . n 
A 1 11 LYS 11 11 11 LYS LYS A . n 
A 1 12 ILE 12 12 12 ILE ILE A . n 
A 1 13 LEU 13 13 13 LEU LEU A . n 
A 1 14 VAL 14 14 14 VAL VAL A . n 
A 1 15 GLN 15 15 15 GLN GLN A . n 
A 1 16 ALA 16 16 16 ALA ALA A . n 
A 1 17 GLY 17 16 ?  ?   ?   A A n 
A 1 18 GLU 18 16 ?  ?   ?   A B n 
A 1 19 ALA 19 16 ?  ?   ?   A C n 
A 1 20 GLU 20 16 ?  ?   ?   A D n 
A 1 21 THR 21 16 ?  ?   ?   A E n 
A 1 22 MET 22 16 ?  ?   ?   A F n 
A 1 23 THR 23 16 ?  ?   ?   A G n 
A 1 24 PRO 24 16 ?  ?   ?   A H n 
A 1 25 SER 25 16 ?  ?   ?   A I n 
A 1 26 GLY 26 16 ?  ?   ?   A J n 
A 1 27 LEU 27 16 ?  ?   ?   A K n 
A 1 28 VAL 28 16 ?  ?   ?   A L n 
A 1 29 ILE 29 16 ?  ?   ?   A M n 
A 1 30 PRO 30 16 ?  ?   ?   A N n 
A 1 31 GLU 31 16 ?  ?   ?   A O n 
A 1 32 ASN 32 16 ?  ?   ?   A P n 
A 1 33 ALA 33 16 ?  ?   ?   A Q n 
A 1 34 LYS 34 16 ?  ?   ?   A R n 
A 1 35 GLU 35 28 28 GLU GLU A . n 
A 1 36 LYS 36 29 29 LYS LYS A . n 
A 1 37 PRO 37 30 30 PRO PRO A . n 
A 1 38 GLN 38 31 31 GLN GLN A . n 
A 1 39 GLU 39 32 32 GLU GLU A . n 
A 1 40 GLY 40 33 33 GLY GLY A . n 
A 1 41 THR 41 34 34 THR THR A . n 
A 1 42 VAL 42 35 35 VAL VAL A . n 
A 1 43 VAL 43 36 36 VAL VAL A . n 
A 1 44 ALA 44 37 37 ALA ALA A . n 
A 1 45 VAL 45 38 38 VAL VAL A . n 
A 1 46 GLY 46 39 39 GLY GLY A . n 
A 1 47 PRO 47 40 40 PRO PRO A . n 
A 1 48 GLY 48 41 41 GLY GLY A . n 
A 1 49 ARG 49 42 42 ARG ARG A . n 
A 1 50 TRP 50 43 43 TRP TRP A . n 
A 1 51 ASP 51 44 44 ASP ASP A . n 
A 1 52 GLU 52 45 45 GLU GLU A . n 
A 1 53 ASP 53 46 46 ASP ASP A . n 
A 1 54 GLY 54 47 47 GLY GLY A . n 
A 1 55 ALA 55 48 48 ALA ALA A . n 
A 1 56 LYS 56 49 49 LYS LYS A . n 
A 1 57 ARG 57 50 50 ARG ARG A . n 
A 1 58 ILE 58 51 51 ILE ILE A . n 
A 1 59 PRO 59 52 52 PRO PRO A . n 
A 1 60 VAL 60 53 53 VAL VAL A . n 
A 1 61 ASP 61 54 54 ASP ASP A . n 
A 1 62 VAL 62 55 55 VAL VAL A . n 
A 1 63 SER 63 56 56 SER SER A . n 
A 1 64 GLU 64 57 57 GLU GLU A . n 
A 1 65 GLY 65 58 58 GLY GLY A . n 
A 1 66 ASP 66 59 59 ASP ASP A . n 
A 1 67 ILE 67 60 60 ILE ILE A . n 
A 1 68 VAL 68 61 61 VAL VAL A . n 
A 1 69 ILE 69 62 62 ILE ILE A . n 
A 1 70 TYR 70 63 63 TYR TYR A . n 
A 1 71 SER 71 64 64 SER SER A . n 
A 1 72 LYS 72 65 65 LYS LYS A . n 
A 1 73 TYR 73 66 66 TYR TYR A . n 
A 1 74 GLY 74 67 67 GLY GLY A . n 
A 1 75 GLY 75 68 68 GLY GLY A . n 
A 1 76 THR 76 69 69 THR THR A . n 
A 1 77 GLU 77 70 70 GLU GLU A . n 
A 1 78 ILE 78 71 71 ILE ILE A . n 
A 1 79 LYS 79 72 72 LYS LYS A . n 
A 1 80 TYR 80 73 73 TYR TYR A . n 
A 1 81 ASN 81 74 74 ASN ASN A . n 
A 1 82 GLY 82 75 75 GLY GLY A . n 
A 1 83 GLU 83 76 76 GLU GLU A . n 
A 1 84 GLU 84 77 77 GLU GLU A . n 
A 1 85 TYR 85 78 78 TYR TYR A . n 
A 1 86 LEU 86 79 79 LEU LEU A . n 
A 1 87 ILE 87 80 80 ILE ILE A . n 
A 1 88 LEU 88 81 81 LEU LEU A . n 
A 1 89 SER 89 82 82 SER SER A . n 
A 1 90 ALA 90 83 83 ALA ALA A . n 
A 1 91 ARG 91 84 84 ARG ARG A . n 
A 1 92 ASP 92 85 85 ASP ASP A . n 
A 1 93 VAL 93 86 86 VAL VAL A . n 
A 1 94 LEU 94 87 87 LEU LEU A . n 
A 1 95 ALA 95 88 88 ALA ALA A . n 
A 1 96 VAL 96 89 89 VAL VAL A . n 
A 1 97 VAL 97 90 90 VAL VAL A . n 
A 1 98 SER 98 91 91 SER SER A . n 
A 1 99 LYS 99 92 92 LYS LYS A . n 
B 1 1  ALA 1  1  1  ALA ALA B . n 
B 1 2  LYS 2  2  2  LYS LYS B . n 
B 1 3  VAL 3  3  3  VAL VAL B . n 
B 1 4  LYS 4  4  4  LYS LYS B . n 
B 1 5  ILE 5  5  5  ILE ILE B . n 
B 1 6  LYS 6  6  6  LYS LYS B . n 
B 1 7  PRO 7  7  7  PRO PRO B . n 
B 1 8  LEU 8  8  8  LEU LEU B . n 
B 1 9  GLU 9  9  9  GLU GLU B . n 
B 1 10 ASP 10 10 10 ASP ASP B . n 
B 1 11 LYS 11 11 11 LYS LYS B . n 
B 1 12 ILE 12 12 12 ILE ILE B . n 
B 1 13 LEU 13 13 13 LEU LEU B . n 
B 1 14 VAL 14 14 14 VAL VAL B . n 
B 1 15 GLN 15 15 15 GLN GLN B . n 
B 1 16 ALA 16 16 16 ALA ALA B . n 
B 1 17 GLY 17 16 ?  ?   ?   B A n 
B 1 18 GLU 18 16 ?  ?   ?   B B n 
B 1 19 ALA 19 16 ?  ?   ?   B C n 
B 1 20 GLU 20 16 ?  ?   ?   B D n 
B 1 21 THR 21 16 ?  ?   ?   B E n 
B 1 22 MET 22 16 ?  ?   ?   B F n 
B 1 23 THR 23 16 ?  ?   ?   B G n 
B 1 24 PRO 24 16 ?  ?   ?   B H n 
B 1 25 SER 25 16 ?  ?   ?   B I n 
B 1 26 GLY 26 16 ?  ?   ?   B J n 
B 1 27 LEU 27 16 ?  ?   ?   B K n 
B 1 28 VAL 28 16 ?  ?   ?   B L n 
B 1 29 ILE 29 16 ?  ?   ?   B M n 
B 1 30 PRO 30 16 ?  ?   ?   B N n 
B 1 31 GLU 31 16 ?  ?   ?   B O n 
B 1 32 ASN 32 16 ?  ?   ?   B P n 
B 1 33 ALA 33 16 ?  ?   ?   B Q n 
B 1 34 LYS 34 16 ?  ?   ?   B R n 
B 1 35 GLU 35 28 28 GLU GLU B . n 
B 1 36 LYS 36 29 29 LYS LYS B . n 
B 1 37 PRO 37 30 30 PRO PRO B . n 
B 1 38 GLN 38 31 31 GLN GLN B . n 
B 1 39 GLU 39 32 32 GLU GLU B . n 
B 1 40 GLY 40 33 33 GLY GLY B . n 
B 1 41 THR 41 34 34 THR THR B . n 
B 1 42 VAL 42 35 35 VAL VAL B . n 
B 1 43 VAL 43 36 36 VAL VAL B . n 
B 1 44 ALA 44 37 37 ALA ALA B . n 
B 1 45 VAL 45 38 38 VAL VAL B . n 
B 1 46 GLY 46 39 39 GLY GLY B . n 
B 1 47 PRO 47 40 40 PRO PRO B . n 
B 1 48 GLY 48 41 41 GLY GLY B . n 
B 1 49 ARG 49 42 42 ARG ARG B . n 
B 1 50 TRP 50 43 43 TRP TRP B . n 
B 1 51 ASP 51 44 44 ASP ASP B . n 
B 1 52 GLU 52 45 45 GLU GLU B . n 
B 1 53 ASP 53 46 46 ASP ASP B . n 
B 1 54 GLY 54 47 47 GLY GLY B . n 
B 1 55 ALA 55 48 48 ALA ALA B . n 
B 1 56 LYS 56 49 49 LYS LYS B . n 
B 1 57 ARG 57 50 50 ARG ARG B . n 
B 1 58 ILE 58 51 51 ILE ILE B . n 
B 1 59 PRO 59 52 52 PRO PRO B . n 
B 1 60 VAL 60 53 53 VAL VAL B . n 
B 1 61 ASP 61 54 54 ASP ASP B . n 
B 1 62 VAL 62 55 55 VAL VAL B . n 
B 1 63 SER 63 56 56 SER SER B . n 
B 1 64 GLU 64 57 57 GLU GLU B . n 
B 1 65 GLY 65 58 58 GLY GLY B . n 
B 1 66 ASP 66 59 59 ASP ASP B . n 
B 1 67 ILE 67 60 60 ILE ILE B . n 
B 1 68 VAL 68 61 61 VAL VAL B . n 
B 1 69 ILE 69 62 62 ILE ILE B . n 
B 1 70 TYR 70 63 63 TYR TYR B . n 
B 1 71 SER 71 64 64 SER SER B . n 
B 1 72 LYS 72 65 65 LYS LYS B . n 
B 1 73 TYR 73 66 66 TYR TYR B . n 
B 1 74 GLY 74 67 67 GLY GLY B . n 
B 1 75 GLY 75 68 68 GLY GLY B . n 
B 1 76 THR 76 69 69 THR THR B . n 
B 1 77 GLU 77 70 70 GLU GLU B . n 
B 1 78 ILE 78 71 71 ILE ILE B . n 
B 1 79 LYS 79 72 72 LYS LYS B . n 
B 1 80 TYR 80 73 73 TYR TYR B . n 
B 1 81 ASN 81 74 74 ASN ASN B . n 
B 1 82 GLY 82 75 75 GLY GLY B . n 
B 1 83 GLU 83 76 76 GLU GLU B . n 
B 1 84 GLU 84 77 77 GLU GLU B . n 
B 1 85 TYR 85 78 78 TYR TYR B . n 
B 1 86 LEU 86 79 79 LEU LEU B . n 
B 1 87 ILE 87 80 80 ILE ILE B . n 
B 1 88 LEU 88 81 81 LEU LEU B . n 
B 1 89 SER 89 82 82 SER SER B . n 
B 1 90 ALA 90 83 83 ALA ALA B . n 
B 1 91 ARG 91 84 84 ARG ARG B . n 
B 1 92 ASP 92 85 85 ASP ASP B . n 
B 1 93 VAL 93 86 86 VAL VAL B . n 
B 1 94 LEU 94 87 87 LEU LEU B . n 
B 1 95 ALA 95 88 88 ALA ALA B . n 
B 1 96 VAL 96 89 89 VAL VAL B . n 
B 1 97 VAL 97 90 90 VAL VAL B . n 
B 1 98 SER 98 91 91 SER SER B . n 
B 1 99 LYS 99 92 92 LYS LYS B . n 
C 1 1  ALA 1  1  1  ALA ALA C . n 
C 1 2  LYS 2  2  2  LYS LYS C . n 
C 1 3  VAL 3  3  3  VAL VAL C . n 
C 1 4  LYS 4  4  4  LYS LYS C . n 
C 1 5  ILE 5  5  5  ILE ILE C . n 
C 1 6  LYS 6  6  6  LYS LYS C . n 
C 1 7  PRO 7  7  7  PRO PRO C . n 
C 1 8  LEU 8  8  8  LEU LEU C . n 
C 1 9  GLU 9  9  9  GLU GLU C . n 
C 1 10 ASP 10 10 10 ASP ASP C . n 
C 1 11 LYS 11 11 11 LYS LYS C . n 
C 1 12 ILE 12 12 12 ILE ILE C . n 
C 1 13 LEU 13 13 13 LEU LEU C . n 
C 1 14 VAL 14 14 14 VAL VAL C . n 
C 1 15 GLN 15 15 15 GLN GLN C . n 
C 1 16 ALA 16 16 16 ALA ALA C . n 
C 1 17 GLY 17 16 ?  ?   ?   C A n 
C 1 18 GLU 18 16 ?  ?   ?   C B n 
C 1 19 ALA 19 16 ?  ?   ?   C C n 
C 1 20 GLU 20 16 ?  ?   ?   C D n 
C 1 21 THR 21 16 ?  ?   ?   C E n 
C 1 22 MET 22 16 ?  ?   ?   C F n 
C 1 23 THR 23 16 ?  ?   ?   C G n 
C 1 24 PRO 24 16 ?  ?   ?   C H n 
C 1 25 SER 25 16 ?  ?   ?   C I n 
C 1 26 GLY 26 16 ?  ?   ?   C J n 
C 1 27 LEU 27 16 ?  ?   ?   C K n 
C 1 28 VAL 28 16 ?  ?   ?   C L n 
C 1 29 ILE 29 16 ?  ?   ?   C M n 
C 1 30 PRO 30 16 ?  ?   ?   C N n 
C 1 31 GLU 31 16 ?  ?   ?   C O n 
C 1 32 ASN 32 16 ?  ?   ?   C P n 
C 1 33 ALA 33 16 ?  ?   ?   C Q n 
C 1 34 LYS 34 16 ?  ?   ?   C R n 
C 1 35 GLU 35 28 28 GLU GLU C . n 
C 1 36 LYS 36 29 29 LYS LYS C . n 
C 1 37 PRO 37 30 30 PRO PRO C . n 
C 1 38 GLN 38 31 31 GLN GLN C . n 
C 1 39 GLU 39 32 32 GLU GLU C . n 
C 1 40 GLY 40 33 33 GLY GLY C . n 
C 1 41 THR 41 34 34 THR THR C . n 
C 1 42 VAL 42 35 35 VAL VAL C . n 
C 1 43 VAL 43 36 36 VAL VAL C . n 
C 1 44 ALA 44 37 37 ALA ALA C . n 
C 1 45 VAL 45 38 38 VAL VAL C . n 
C 1 46 GLY 46 39 39 GLY GLY C . n 
C 1 47 PRO 47 40 40 PRO PRO C . n 
C 1 48 GLY 48 41 41 GLY GLY C . n 
C 1 49 ARG 49 42 42 ARG ARG C . n 
C 1 50 TRP 50 43 43 TRP TRP C . n 
C 1 51 ASP 51 44 44 ASP ASP C . n 
C 1 52 GLU 52 45 45 GLU GLU C . n 
C 1 53 ASP 53 46 46 ASP ASP C . n 
C 1 54 GLY 54 47 47 GLY GLY C . n 
C 1 55 ALA 55 48 48 ALA ALA C . n 
C 1 56 LYS 56 49 49 LYS LYS C . n 
C 1 57 ARG 57 50 50 ARG ARG C . n 
C 1 58 ILE 58 51 51 ILE ILE C . n 
C 1 59 PRO 59 52 52 PRO PRO C . n 
C 1 60 VAL 60 53 53 VAL VAL C . n 
C 1 61 ASP 61 54 54 ASP ASP C . n 
C 1 62 VAL 62 55 55 VAL VAL C . n 
C 1 63 SER 63 56 56 SER SER C . n 
C 1 64 GLU 64 57 57 GLU GLU C . n 
C 1 65 GLY 65 58 58 GLY GLY C . n 
C 1 66 ASP 66 59 59 ASP ASP C . n 
C 1 67 ILE 67 60 60 ILE ILE C . n 
C 1 68 VAL 68 61 61 VAL VAL C . n 
C 1 69 ILE 69 62 62 ILE ILE C . n 
C 1 70 TYR 70 63 63 TYR TYR C . n 
C 1 71 SER 71 64 64 SER SER C . n 
C 1 72 LYS 72 65 65 LYS LYS C . n 
C 1 73 TYR 73 66 66 TYR TYR C . n 
C 1 74 GLY 74 67 67 GLY GLY C . n 
C 1 75 GLY 75 68 68 GLY GLY C . n 
C 1 76 THR 76 69 69 THR THR C . n 
C 1 77 GLU 77 70 70 GLU GLU C . n 
C 1 78 ILE 78 71 71 ILE ILE C . n 
C 1 79 LYS 79 72 72 LYS LYS C . n 
C 1 80 TYR 80 73 73 TYR TYR C . n 
C 1 81 ASN 81 74 74 ASN ASN C . n 
C 1 82 GLY 82 75 75 GLY GLY C . n 
C 1 83 GLU 83 76 76 GLU GLU C . n 
C 1 84 GLU 84 77 77 GLU GLU C . n 
C 1 85 TYR 85 78 78 TYR TYR C . n 
C 1 86 LEU 86 79 79 LEU LEU C . n 
C 1 87 ILE 87 80 80 ILE ILE C . n 
C 1 88 LEU 88 81 81 LEU LEU C . n 
C 1 89 SER 89 82 82 SER SER C . n 
C 1 90 ALA 90 83 83 ALA ALA C . n 
C 1 91 ARG 91 84 84 ARG ARG C . n 
C 1 92 ASP 92 85 85 ASP ASP C . n 
C 1 93 VAL 93 86 86 VAL VAL C . n 
C 1 94 LEU 94 87 87 LEU LEU C . n 
C 1 95 ALA 95 88 88 ALA ALA C . n 
C 1 96 VAL 96 89 89 VAL VAL C . n 
C 1 97 VAL 97 90 90 VAL VAL C . n 
C 1 98 SER 98 91 91 SER SER C . n 
C 1 99 LYS 99 92 92 LYS LYS C . n 
D 1 1  ALA 1  1  1  ALA ALA D . n 
D 1 2  LYS 2  2  2  LYS LYS D . n 
D 1 3  VAL 3  3  3  VAL VAL D . n 
D 1 4  LYS 4  4  4  LYS LYS D . n 
D 1 5  ILE 5  5  5  ILE ILE D . n 
D 1 6  LYS 6  6  6  LYS LYS D . n 
D 1 7  PRO 7  7  7  PRO PRO D . n 
D 1 8  LEU 8  8  8  LEU LEU D . n 
D 1 9  GLU 9  9  9  GLU GLU D . n 
D 1 10 ASP 10 10 10 ASP ASP D . n 
D 1 11 LYS 11 11 11 LYS LYS D . n 
D 1 12 ILE 12 12 12 ILE ILE D . n 
D 1 13 LEU 13 13 13 LEU LEU D . n 
D 1 14 VAL 14 14 14 VAL VAL D . n 
D 1 15 GLN 15 15 15 GLN GLN D . n 
D 1 16 ALA 16 16 16 ALA ALA D . n 
D 1 17 GLY 17 16 ?  ?   ?   D A n 
D 1 18 GLU 18 16 ?  ?   ?   D B n 
D 1 19 ALA 19 16 ?  ?   ?   D C n 
D 1 20 GLU 20 16 ?  ?   ?   D D n 
D 1 21 THR 21 16 ?  ?   ?   D E n 
D 1 22 MET 22 16 ?  ?   ?   D F n 
D 1 23 THR 23 16 ?  ?   ?   D G n 
D 1 24 PRO 24 16 ?  ?   ?   D H n 
D 1 25 SER 25 16 ?  ?   ?   D I n 
D 1 26 GLY 26 16 ?  ?   ?   D J n 
D 1 27 LEU 27 16 ?  ?   ?   D K n 
D 1 28 VAL 28 16 ?  ?   ?   D L n 
D 1 29 ILE 29 16 ?  ?   ?   D M n 
D 1 30 PRO 30 16 ?  ?   ?   D N n 
D 1 31 GLU 31 16 ?  ?   ?   D O n 
D 1 32 ASN 32 16 ?  ?   ?   D P n 
D 1 33 ALA 33 16 ?  ?   ?   D Q n 
D 1 34 LYS 34 16 ?  ?   ?   D R n 
D 1 35 GLU 35 28 28 GLU GLU D . n 
D 1 36 LYS 36 29 29 LYS LYS D . n 
D 1 37 PRO 37 30 30 PRO PRO D . n 
D 1 38 GLN 38 31 31 GLN GLN D . n 
D 1 39 GLU 39 32 32 GLU GLU D . n 
D 1 40 GLY 40 33 33 GLY GLY D . n 
D 1 41 THR 41 34 34 THR THR D . n 
D 1 42 VAL 42 35 35 VAL VAL D . n 
D 1 43 VAL 43 36 36 VAL VAL D . n 
D 1 44 ALA 44 37 37 ALA ALA D . n 
D 1 45 VAL 45 38 38 VAL VAL D . n 
D 1 46 GLY 46 39 39 GLY GLY D . n 
D 1 47 PRO 47 40 40 PRO PRO D . n 
D 1 48 GLY 48 41 41 GLY GLY D . n 
D 1 49 ARG 49 42 42 ARG ARG D . n 
D 1 50 TRP 50 43 43 TRP TRP D . n 
D 1 51 ASP 51 44 44 ASP ASP D . n 
D 1 52 GLU 52 45 45 GLU GLU D . n 
D 1 53 ASP 53 46 46 ASP ASP D . n 
D 1 54 GLY 54 47 47 GLY GLY D . n 
D 1 55 ALA 55 48 48 ALA ALA D . n 
D 1 56 LYS 56 49 49 LYS LYS D . n 
D 1 57 ARG 57 50 50 ARG ARG D . n 
D 1 58 ILE 58 51 51 ILE ILE D . n 
D 1 59 PRO 59 52 52 PRO PRO D . n 
D 1 60 VAL 60 53 53 VAL VAL D . n 
D 1 61 ASP 61 54 54 ASP ASP D . n 
D 1 62 VAL 62 55 55 VAL VAL D . n 
D 1 63 SER 63 56 56 SER SER D . n 
D 1 64 GLU 64 57 57 GLU GLU D . n 
D 1 65 GLY 65 58 58 GLY GLY D . n 
D 1 66 ASP 66 59 59 ASP ASP D . n 
D 1 67 ILE 67 60 60 ILE ILE D . n 
D 1 68 VAL 68 61 61 VAL VAL D . n 
D 1 69 ILE 69 62 62 ILE ILE D . n 
D 1 70 TYR 70 63 63 TYR TYR D . n 
D 1 71 SER 71 64 64 SER SER D . n 
D 1 72 LYS 72 65 65 LYS LYS D . n 
D 1 73 TYR 73 66 66 TYR TYR D . n 
D 1 74 GLY 74 67 67 GLY GLY D . n 
D 1 75 GLY 75 68 68 GLY GLY D . n 
D 1 76 THR 76 69 69 THR THR D . n 
D 1 77 GLU 77 70 70 GLU GLU D . n 
D 1 78 ILE 78 71 71 ILE ILE D . n 
D 1 79 LYS 79 72 72 LYS LYS D . n 
D 1 80 TYR 80 73 73 TYR TYR D . n 
D 1 81 ASN 81 74 74 ASN ASN D . n 
D 1 82 GLY 82 75 75 GLY GLY D . n 
D 1 83 GLU 83 76 76 GLU GLU D . n 
D 1 84 GLU 84 77 77 GLU GLU D . n 
D 1 85 TYR 85 78 78 TYR TYR D . n 
D 1 86 LEU 86 79 79 LEU LEU D . n 
D 1 87 ILE 87 80 80 ILE ILE D . n 
D 1 88 LEU 88 81 81 LEU LEU D . n 
D 1 89 SER 89 82 82 SER SER D . n 
D 1 90 ALA 90 83 83 ALA ALA D . n 
D 1 91 ARG 91 84 84 ARG ARG D . n 
D 1 92 ASP 92 85 85 ASP ASP D . n 
D 1 93 VAL 93 86 86 VAL VAL D . n 
D 1 94 LEU 94 87 87 LEU LEU D . n 
D 1 95 ALA 95 88 88 ALA ALA D . n 
D 1 96 VAL 96 89 89 VAL VAL D . n 
D 1 97 VAL 97 90 90 VAL VAL D . n 
D 1 98 SER 98 91 91 SER SER D . n 
D 1 99 LYS 99 92 92 LYS LYS D . n 
E 1 1  ALA 1  1  1  ALA ALA E . n 
E 1 2  LYS 2  2  2  LYS LYS E . n 
E 1 3  VAL 3  3  3  VAL VAL E . n 
E 1 4  LYS 4  4  4  LYS LYS E . n 
E 1 5  ILE 5  5  5  ILE ILE E . n 
E 1 6  LYS 6  6  6  LYS LYS E . n 
E 1 7  PRO 7  7  7  PRO PRO E . n 
E 1 8  LEU 8  8  8  LEU LEU E . n 
E 1 9  GLU 9  9  9  GLU GLU E . n 
E 1 10 ASP 10 10 10 ASP ASP E . n 
E 1 11 LYS 11 11 11 LYS LYS E . n 
E 1 12 ILE 12 12 12 ILE ILE E . n 
E 1 13 LEU 13 13 13 LEU LEU E . n 
E 1 14 VAL 14 14 14 VAL VAL E . n 
E 1 15 GLN 15 15 15 GLN GLN E . n 
E 1 16 ALA 16 16 16 ALA ALA E . n 
E 1 17 GLY 17 16 ?  ?   ?   E A n 
E 1 18 GLU 18 16 ?  ?   ?   E B n 
E 1 19 ALA 19 16 ?  ?   ?   E C n 
E 1 20 GLU 20 16 ?  ?   ?   E D n 
E 1 21 THR 21 16 ?  ?   ?   E E n 
E 1 22 MET 22 16 ?  ?   ?   E F n 
E 1 23 THR 23 16 ?  ?   ?   E G n 
E 1 24 PRO 24 16 ?  ?   ?   E H n 
E 1 25 SER 25 16 ?  ?   ?   E I n 
E 1 26 GLY 26 16 ?  ?   ?   E J n 
E 1 27 LEU 27 16 ?  ?   ?   E K n 
E 1 28 VAL 28 16 ?  ?   ?   E L n 
E 1 29 ILE 29 16 ?  ?   ?   E M n 
E 1 30 PRO 30 16 ?  ?   ?   E N n 
E 1 31 GLU 31 16 ?  ?   ?   E O n 
E 1 32 ASN 32 16 ?  ?   ?   E P n 
E 1 33 ALA 33 16 ?  ?   ?   E Q n 
E 1 34 LYS 34 16 ?  ?   ?   E R n 
E 1 35 GLU 35 28 28 GLU GLU E . n 
E 1 36 LYS 36 29 29 LYS LYS E . n 
E 1 37 PRO 37 30 30 PRO PRO E . n 
E 1 38 GLN 38 31 31 GLN GLN E . n 
E 1 39 GLU 39 32 32 GLU GLU E . n 
E 1 40 GLY 40 33 33 GLY GLY E . n 
E 1 41 THR 41 34 34 THR THR E . n 
E 1 42 VAL 42 35 35 VAL VAL E . n 
E 1 43 VAL 43 36 36 VAL VAL E . n 
E 1 44 ALA 44 37 37 ALA ALA E . n 
E 1 45 VAL 45 38 38 VAL VAL E . n 
E 1 46 GLY 46 39 39 GLY GLY E . n 
E 1 47 PRO 47 40 40 PRO PRO E . n 
E 1 48 GLY 48 41 41 GLY GLY E . n 
E 1 49 ARG 49 42 42 ARG ARG E . n 
E 1 50 TRP 50 43 43 TRP TRP E . n 
E 1 51 ASP 51 44 44 ASP ASP E . n 
E 1 52 GLU 52 45 45 GLU GLU E . n 
E 1 53 ASP 53 46 46 ASP ASP E . n 
E 1 54 GLY 54 47 47 GLY GLY E . n 
E 1 55 ALA 55 48 48 ALA ALA E . n 
E 1 56 LYS 56 49 49 LYS LYS E . n 
E 1 57 ARG 57 50 50 ARG ARG E . n 
E 1 58 ILE 58 51 51 ILE ILE E . n 
E 1 59 PRO 59 52 52 PRO PRO E . n 
E 1 60 VAL 60 53 53 VAL VAL E . n 
E 1 61 ASP 61 54 54 ASP ASP E . n 
E 1 62 VAL 62 55 55 VAL VAL E . n 
E 1 63 SER 63 56 56 SER SER E . n 
E 1 64 GLU 64 57 57 GLU GLU E . n 
E 1 65 GLY 65 58 58 GLY GLY E . n 
E 1 66 ASP 66 59 59 ASP ASP E . n 
E 1 67 ILE 67 60 60 ILE ILE E . n 
E 1 68 VAL 68 61 61 VAL VAL E . n 
E 1 69 ILE 69 62 62 ILE ILE E . n 
E 1 70 TYR 70 63 63 TYR TYR E . n 
E 1 71 SER 71 64 64 SER SER E . n 
E 1 72 LYS 72 65 65 LYS LYS E . n 
E 1 73 TYR 73 66 66 TYR TYR E . n 
E 1 74 GLY 74 67 67 GLY GLY E . n 
E 1 75 GLY 75 68 68 GLY GLY E . n 
E 1 76 THR 76 69 69 THR THR E . n 
E 1 77 GLU 77 70 70 GLU GLU E . n 
E 1 78 ILE 78 71 71 ILE ILE E . n 
E 1 79 LYS 79 72 72 LYS LYS E . n 
E 1 80 TYR 80 73 73 TYR TYR E . n 
E 1 81 ASN 81 74 74 ASN ASN E . n 
E 1 82 GLY 82 75 75 GLY GLY E . n 
E 1 83 GLU 83 76 76 GLU GLU E . n 
E 1 84 GLU 84 77 77 GLU GLU E . n 
E 1 85 TYR 85 78 78 TYR TYR E . n 
E 1 86 LEU 86 79 79 LEU LEU E . n 
E 1 87 ILE 87 80 80 ILE ILE E . n 
E 1 88 LEU 88 81 81 LEU LEU E . n 
E 1 89 SER 89 82 82 SER SER E . n 
E 1 90 ALA 90 83 83 ALA ALA E . n 
E 1 91 ARG 91 84 84 ARG ARG E . n 
E 1 92 ASP 92 85 85 ASP ASP E . n 
E 1 93 VAL 93 86 86 VAL VAL E . n 
E 1 94 LEU 94 87 87 LEU LEU E . n 
E 1 95 ALA 95 88 88 ALA ALA E . n 
E 1 96 VAL 96 89 89 VAL VAL E . n 
E 1 97 VAL 97 90 90 VAL VAL E . n 
E 1 98 SER 98 91 91 SER SER E . n 
E 1 99 LYS 99 92 92 LYS LYS E . n 
F 1 1  ALA 1  1  1  ALA ALA F . n 
F 1 2  LYS 2  2  2  LYS LYS F . n 
F 1 3  VAL 3  3  3  VAL VAL F . n 
F 1 4  LYS 4  4  4  LYS LYS F . n 
F 1 5  ILE 5  5  5  ILE ILE F . n 
F 1 6  LYS 6  6  6  LYS LYS F . n 
F 1 7  PRO 7  7  7  PRO PRO F . n 
F 1 8  LEU 8  8  8  LEU LEU F . n 
F 1 9  GLU 9  9  9  GLU GLU F . n 
F 1 10 ASP 10 10 10 ASP ASP F . n 
F 1 11 LYS 11 11 11 LYS LYS F . n 
F 1 12 ILE 12 12 12 ILE ILE F . n 
F 1 13 LEU 13 13 13 LEU LEU F . n 
F 1 14 VAL 14 14 14 VAL VAL F . n 
F 1 15 GLN 15 15 15 GLN GLN F . n 
F 1 16 ALA 16 16 16 ALA ALA F . n 
F 1 17 GLY 17 16 ?  ?   ?   F A n 
F 1 18 GLU 18 16 ?  ?   ?   F B n 
F 1 19 ALA 19 16 ?  ?   ?   F C n 
F 1 20 GLU 20 16 ?  ?   ?   F D n 
F 1 21 THR 21 16 ?  ?   ?   F E n 
F 1 22 MET 22 16 ?  ?   ?   F F n 
F 1 23 THR 23 16 ?  ?   ?   F G n 
F 1 24 PRO 24 16 ?  ?   ?   F H n 
F 1 25 SER 25 16 ?  ?   ?   F I n 
F 1 26 GLY 26 16 ?  ?   ?   F J n 
F 1 27 LEU 27 16 ?  ?   ?   F K n 
F 1 28 VAL 28 16 ?  ?   ?   F L n 
F 1 29 ILE 29 16 ?  ?   ?   F M n 
F 1 30 PRO 30 16 ?  ?   ?   F N n 
F 1 31 GLU 31 16 ?  ?   ?   F O n 
F 1 32 ASN 32 16 ?  ?   ?   F P n 
F 1 33 ALA 33 16 ?  ?   ?   F Q n 
F 1 34 LYS 34 16 ?  ?   ?   F R n 
F 1 35 GLU 35 28 28 GLU GLU F . n 
F 1 36 LYS 36 29 29 LYS LYS F . n 
F 1 37 PRO 37 30 30 PRO PRO F . n 
F 1 38 GLN 38 31 31 GLN GLN F . n 
F 1 39 GLU 39 32 32 GLU GLU F . n 
F 1 40 GLY 40 33 33 GLY GLY F . n 
F 1 41 THR 41 34 34 THR THR F . n 
F 1 42 VAL 42 35 35 VAL VAL F . n 
F 1 43 VAL 43 36 36 VAL VAL F . n 
F 1 44 ALA 44 37 37 ALA ALA F . n 
F 1 45 VAL 45 38 38 VAL VAL F . n 
F 1 46 GLY 46 39 39 GLY GLY F . n 
F 1 47 PRO 47 40 40 PRO PRO F . n 
F 1 48 GLY 48 41 41 GLY GLY F . n 
F 1 49 ARG 49 42 42 ARG ARG F . n 
F 1 50 TRP 50 43 43 TRP TRP F . n 
F 1 51 ASP 51 44 44 ASP ASP F . n 
F 1 52 GLU 52 45 45 GLU GLU F . n 
F 1 53 ASP 53 46 46 ASP ASP F . n 
F 1 54 GLY 54 47 47 GLY GLY F . n 
F 1 55 ALA 55 48 48 ALA ALA F . n 
F 1 56 LYS 56 49 49 LYS LYS F . n 
F 1 57 ARG 57 50 50 ARG ARG F . n 
F 1 58 ILE 58 51 51 ILE ILE F . n 
F 1 59 PRO 59 52 52 PRO PRO F . n 
F 1 60 VAL 60 53 53 VAL VAL F . n 
F 1 61 ASP 61 54 54 ASP ASP F . n 
F 1 62 VAL 62 55 55 VAL VAL F . n 
F 1 63 SER 63 56 56 SER SER F . n 
F 1 64 GLU 64 57 57 GLU GLU F . n 
F 1 65 GLY 65 58 58 GLY GLY F . n 
F 1 66 ASP 66 59 59 ASP ASP F . n 
F 1 67 ILE 67 60 60 ILE ILE F . n 
F 1 68 VAL 68 61 61 VAL VAL F . n 
F 1 69 ILE 69 62 62 ILE ILE F . n 
F 1 70 TYR 70 63 63 TYR TYR F . n 
F 1 71 SER 71 64 64 SER SER F . n 
F 1 72 LYS 72 65 65 LYS LYS F . n 
F 1 73 TYR 73 66 66 TYR TYR F . n 
F 1 74 GLY 74 67 67 GLY GLY F . n 
F 1 75 GLY 75 68 68 GLY GLY F . n 
F 1 76 THR 76 69 69 THR THR F . n 
F 1 77 GLU 77 70 70 GLU GLU F . n 
F 1 78 ILE 78 71 71 ILE ILE F . n 
F 1 79 LYS 79 72 72 LYS LYS F . n 
F 1 80 TYR 80 73 73 TYR TYR F . n 
F 1 81 ASN 81 74 74 ASN ASN F . n 
F 1 82 GLY 82 75 75 GLY GLY F . n 
F 1 83 GLU 83 76 76 GLU GLU F . n 
F 1 84 GLU 84 77 77 GLU GLU F . n 
F 1 85 TYR 85 78 78 TYR TYR F . n 
F 1 86 LEU 86 79 79 LEU LEU F . n 
F 1 87 ILE 87 80 80 ILE ILE F . n 
F 1 88 LEU 88 81 81 LEU LEU F . n 
F 1 89 SER 89 82 82 SER SER F . n 
F 1 90 ALA 90 83 83 ALA ALA F . n 
F 1 91 ARG 91 84 84 ARG ARG F . n 
F 1 92 ASP 92 85 85 ASP ASP F . n 
F 1 93 VAL 93 86 86 VAL VAL F . n 
F 1 94 LEU 94 87 87 LEU LEU F . n 
F 1 95 ALA 95 88 88 ALA ALA F . n 
F 1 96 VAL 96 89 89 VAL VAL F . n 
F 1 97 VAL 97 90 90 VAL VAL F . n 
F 1 98 SER 98 91 91 SER SER F . n 
F 1 99 LYS 99 92 92 LYS LYS F . n 
G 1 1  ALA 1  1  1  ALA ALA G . n 
G 1 2  LYS 2  2  2  LYS LYS G . n 
G 1 3  VAL 3  3  3  VAL VAL G . n 
G 1 4  LYS 4  4  4  LYS LYS G . n 
G 1 5  ILE 5  5  5  ILE ILE G . n 
G 1 6  LYS 6  6  6  LYS LYS G . n 
G 1 7  PRO 7  7  7  PRO PRO G . n 
G 1 8  LEU 8  8  8  LEU LEU G . n 
G 1 9  GLU 9  9  9  GLU GLU G . n 
G 1 10 ASP 10 10 10 ASP ASP G . n 
G 1 11 LYS 11 11 11 LYS LYS G . n 
G 1 12 ILE 12 12 12 ILE ILE G . n 
G 1 13 LEU 13 13 13 LEU LEU G . n 
G 1 14 VAL 14 14 14 VAL VAL G . n 
G 1 15 GLN 15 15 15 GLN GLN G . n 
G 1 16 ALA 16 16 16 ALA ALA G . n 
G 1 17 GLY 17 16 ?  ?   ?   G A n 
G 1 18 GLU 18 16 ?  ?   ?   G B n 
G 1 19 ALA 19 16 ?  ?   ?   G C n 
G 1 20 GLU 20 16 ?  ?   ?   G D n 
G 1 21 THR 21 16 ?  ?   ?   G E n 
G 1 22 MET 22 16 ?  ?   ?   G F n 
G 1 23 THR 23 16 ?  ?   ?   G G n 
G 1 24 PRO 24 16 ?  ?   ?   G H n 
G 1 25 SER 25 16 ?  ?   ?   G I n 
G 1 26 GLY 26 16 ?  ?   ?   G J n 
G 1 27 LEU 27 16 ?  ?   ?   G K n 
G 1 28 VAL 28 16 ?  ?   ?   G L n 
G 1 29 ILE 29 16 ?  ?   ?   G M n 
G 1 30 PRO 30 16 ?  ?   ?   G N n 
G 1 31 GLU 31 16 ?  ?   ?   G O n 
G 1 32 ASN 32 16 ?  ?   ?   G P n 
G 1 33 ALA 33 16 ?  ?   ?   G Q n 
G 1 34 LYS 34 16 ?  ?   ?   G R n 
G 1 35 GLU 35 28 28 GLU GLU G . n 
G 1 36 LYS 36 29 29 LYS LYS G . n 
G 1 37 PRO 37 30 30 PRO PRO G . n 
G 1 38 GLN 38 31 31 GLN GLN G . n 
G 1 39 GLU 39 32 32 GLU GLU G . n 
G 1 40 GLY 40 33 33 GLY GLY G . n 
G 1 41 THR 41 34 34 THR THR G . n 
G 1 42 VAL 42 35 35 VAL VAL G . n 
G 1 43 VAL 43 36 36 VAL VAL G . n 
G 1 44 ALA 44 37 37 ALA ALA G . n 
G 1 45 VAL 45 38 38 VAL VAL G . n 
G 1 46 GLY 46 39 39 GLY GLY G . n 
G 1 47 PRO 47 40 40 PRO PRO G . n 
G 1 48 GLY 48 41 41 GLY GLY G . n 
G 1 49 ARG 49 42 42 ARG ARG G . n 
G 1 50 TRP 50 43 43 TRP TRP G . n 
G 1 51 ASP 51 44 44 ASP ASP G . n 
G 1 52 GLU 52 45 45 GLU GLU G . n 
G 1 53 ASP 53 46 46 ASP ASP G . n 
G 1 54 GLY 54 47 47 GLY GLY G . n 
G 1 55 ALA 55 48 48 ALA ALA G . n 
G 1 56 LYS 56 49 49 LYS LYS G . n 
G 1 57 ARG 57 50 50 ARG ARG G . n 
G 1 58 ILE 58 51 51 ILE ILE G . n 
G 1 59 PRO 59 52 52 PRO PRO G . n 
G 1 60 VAL 60 53 53 VAL VAL G . n 
G 1 61 ASP 61 54 54 ASP ASP G . n 
G 1 62 VAL 62 55 55 VAL VAL G . n 
G 1 63 SER 63 56 56 SER SER G . n 
G 1 64 GLU 64 57 57 GLU GLU G . n 
G 1 65 GLY 65 58 58 GLY GLY G . n 
G 1 66 ASP 66 59 59 ASP ASP G . n 
G 1 67 ILE 67 60 60 ILE ILE G . n 
G 1 68 VAL 68 61 61 VAL VAL G . n 
G 1 69 ILE 69 62 62 ILE ILE G . n 
G 1 70 TYR 70 63 63 TYR TYR G . n 
G 1 71 SER 71 64 64 SER SER G . n 
G 1 72 LYS 72 65 65 LYS LYS G . n 
G 1 73 TYR 73 66 66 TYR TYR G . n 
G 1 74 GLY 74 67 67 GLY GLY G . n 
G 1 75 GLY 75 68 68 GLY GLY G . n 
G 1 76 THR 76 69 69 THR THR G . n 
G 1 77 GLU 77 70 70 GLU GLU G . n 
G 1 78 ILE 78 71 71 ILE ILE G . n 
G 1 79 LYS 79 72 72 LYS LYS G . n 
G 1 80 TYR 80 73 73 TYR TYR G . n 
G 1 81 ASN 81 74 74 ASN ASN G . n 
G 1 82 GLY 82 75 75 GLY GLY G . n 
G 1 83 GLU 83 76 76 GLU GLU G . n 
G 1 84 GLU 84 77 77 GLU GLU G . n 
G 1 85 TYR 85 78 78 TYR TYR G . n 
G 1 86 LEU 86 79 79 LEU LEU G . n 
G 1 87 ILE 87 80 80 ILE ILE G . n 
G 1 88 LEU 88 81 81 LEU LEU G . n 
G 1 89 SER 89 82 82 SER SER G . n 
G 1 90 ALA 90 83 83 ALA ALA G . n 
G 1 91 ARG 91 84 84 ARG ARG G . n 
G 1 92 ASP 92 85 85 ASP ASP G . n 
G 1 93 VAL 93 86 86 VAL VAL G . n 
G 1 94 LEU 94 87 87 LEU LEU G . n 
G 1 95 ALA 95 88 88 ALA ALA G . n 
G 1 96 VAL 96 89 89 VAL VAL G . n 
G 1 97 VAL 97 90 90 VAL VAL G . n 
G 1 98 SER 98 91 91 SER SER G . n 
G 1 99 LYS 99 92 92 LYS LYS G . n 
# 
loop_
_software.name 
_software.classification 
_software.version 
_software.citation_id 
_software.pdbx_ordinal 
X-PLOR 'model building' . ? 1 
X-PLOR refinement       . ? 2 
DENZO  'data reduction' . ? 3 
X-PLOR phasing          . ? 4 
# 
_cell.entry_id           1LEP 
_cell.length_a           112.900 
_cell.length_b           129.000 
_cell.length_c           109.500 
_cell.angle_alpha        90.00 
_cell.angle_beta         90.00 
_cell.angle_gamma        90.00 
_cell.Z_PDB              56 
_cell.pdbx_unique_axis   ? 
# 
_symmetry.entry_id                         1LEP 
_symmetry.space_group_name_H-M             'C 2 2 21' 
_symmetry.pdbx_full_space_group_name_H-M   ? 
_symmetry.cell_setting                     ? 
_symmetry.Int_Tables_number                20 
# 
_exptl.entry_id          1LEP 
_exptl.method            'X-RAY DIFFRACTION' 
_exptl.crystals_number   ? 
# 
_exptl_crystal.id                    1 
_exptl_crystal.density_meas          ? 
_exptl_crystal.density_Matthews      2.66 
_exptl_crystal.density_percent_sol   55. 
_exptl_crystal.description           ? 
# 
_diffrn.id                     1 
_diffrn.ambient_temp           ? 
_diffrn.ambient_temp_details   ? 
_diffrn.crystal_id             1 
# 
_diffrn_detector.diffrn_id              1 
_diffrn_detector.detector               'IMAGE PLATE' 
_diffrn_detector.type                   'RIGAKU RAXIS II' 
_diffrn_detector.pdbx_collection_date   1995 
_diffrn_detector.details                ? 
# 
_diffrn_radiation.diffrn_id                        1 
_diffrn_radiation.wavelength_id                    1 
_diffrn_radiation.pdbx_monochromatic_or_laue_m_l   M 
_diffrn_radiation.monochromator                    ? 
_diffrn_radiation.pdbx_diffrn_protocol             ? 
_diffrn_radiation.pdbx_scattering_type             x-ray 
# 
_diffrn_radiation_wavelength.id           1 
_diffrn_radiation_wavelength.wavelength   1.5418 
_diffrn_radiation_wavelength.wt           1.0 
# 
_diffrn_source.diffrn_id                   1 
_diffrn_source.source                      ? 
_diffrn_source.type                        ? 
_diffrn_source.pdbx_synchrotron_site       ? 
_diffrn_source.pdbx_synchrotron_beamline   ? 
_diffrn_source.pdbx_wavelength             1.5418 
_diffrn_source.pdbx_wavelength_list        ? 
# 
_reflns.entry_id                     1LEP 
_reflns.observed_criterion_sigma_I   ? 
_reflns.observed_criterion_sigma_F   ? 
_reflns.d_resolution_low             ? 
_reflns.d_resolution_high            ? 
_reflns.number_obs                   ? 
_reflns.number_all                   ? 
_reflns.percent_possible_obs         ? 
_reflns.pdbx_Rmerge_I_obs            0.0880000 
_reflns.pdbx_Rsym_value              ? 
_reflns.pdbx_netI_over_sigmaI        ? 
_reflns.B_iso_Wilson_estimate        ? 
_reflns.pdbx_redundancy              ? 
_reflns.pdbx_ordinal                 1 
_reflns.pdbx_diffrn_id               1 
# 
_refine.entry_id                                 1LEP 
_refine.ls_number_reflns_obs                     8733 
_refine.ls_number_reflns_all                     ? 
_refine.pdbx_ls_sigma_I                          ? 
_refine.pdbx_ls_sigma_F                          2.0 
_refine.pdbx_data_cutoff_high_absF               ? 
_refine.pdbx_data_cutoff_low_absF                ? 
_refine.pdbx_data_cutoff_high_rms_absF           ? 
_refine.ls_d_res_low                             8.0 
_refine.ls_d_res_high                            3.5 
_refine.ls_percent_reflns_obs                    ? 
_refine.ls_R_factor_obs                          0.2300000 
_refine.ls_R_factor_all                          ? 
_refine.ls_R_factor_R_work                       0.2300000 
_refine.ls_R_factor_R_free                       0.3800000 
_refine.ls_R_factor_R_free_error                 ? 
_refine.ls_R_factor_R_free_error_details         ? 
_refine.ls_percent_reflns_R_free                 ? 
_refine.ls_number_reflns_R_free                  ? 
_refine.ls_number_parameters                     ? 
_refine.ls_number_restraints                     ? 
_refine.occupancy_min                            ? 
_refine.occupancy_max                            ? 
_refine.B_iso_mean                               40.0 
_refine.aniso_B[1][1]                            ? 
_refine.aniso_B[2][2]                            ? 
_refine.aniso_B[3][3]                            ? 
_refine.aniso_B[1][2]                            ? 
_refine.aniso_B[1][3]                            ? 
_refine.aniso_B[2][3]                            ? 
_refine.solvent_model_details                    ? 
_refine.solvent_model_param_ksol                 ? 
_refine.solvent_model_param_bsol                 ? 
_refine.pdbx_ls_cross_valid_method               ? 
_refine.details                                  ? 
_refine.pdbx_starting_model                      ? 
_refine.pdbx_method_to_determine_struct          ? 
_refine.pdbx_isotropic_thermal_model             ? 
_refine.pdbx_stereochemistry_target_values       ? 
_refine.pdbx_stereochem_target_val_spec_case     ? 
_refine.pdbx_R_Free_selection_details            ? 
_refine.pdbx_overall_ESU_R                       ? 
_refine.pdbx_overall_ESU_R_Free                  ? 
_refine.overall_SU_ML                            ? 
_refine.overall_SU_B                             ? 
_refine.pdbx_refine_id                           'X-RAY DIFFRACTION' 
_refine.pdbx_diffrn_id                           1 
_refine.pdbx_TLS_residual_ADP_flag               ? 
_refine.correlation_coeff_Fo_to_Fc               ? 
_refine.correlation_coeff_Fo_to_Fc_free          ? 
_refine.pdbx_solvent_vdw_probe_radii             ? 
_refine.pdbx_solvent_ion_probe_radii             ? 
_refine.pdbx_solvent_shrinkage_radii             ? 
_refine.pdbx_overall_phase_error                 ? 
_refine.overall_SU_R_Cruickshank_DPI             ? 
_refine.pdbx_overall_SU_R_free_Cruickshank_DPI   ? 
_refine.pdbx_overall_SU_R_Blow_DPI               ? 
_refine.pdbx_overall_SU_R_free_Blow_DPI          ? 
# 
_refine_hist.pdbx_refine_id                   'X-RAY DIFFRACTION' 
_refine_hist.cycle_id                         LAST 
_refine_hist.pdbx_number_atoms_protein        567 
_refine_hist.pdbx_number_atoms_nucleic_acid   0 
_refine_hist.pdbx_number_atoms_ligand         0 
_refine_hist.number_atoms_solvent             0 
_refine_hist.number_atoms_total               567 
_refine_hist.d_res_high                       3.5 
_refine_hist.d_res_low                        8.0 
# 
loop_
_refine_ls_restr.type 
_refine_ls_restr.dev_ideal 
_refine_ls_restr.dev_ideal_target 
_refine_ls_restr.weight 
_refine_ls_restr.number 
_refine_ls_restr.pdbx_refine_id 
_refine_ls_restr.pdbx_restraint_function 
x_bond_d                0.018 ? ? ? 'X-RAY DIFFRACTION' ? 
x_bond_d_na             ?     ? ? ? 'X-RAY DIFFRACTION' ? 
x_bond_d_prot           ?     ? ? ? 'X-RAY DIFFRACTION' ? 
x_angle_d               ?     ? ? ? 'X-RAY DIFFRACTION' ? 
x_angle_d_na            ?     ? ? ? 'X-RAY DIFFRACTION' ? 
x_angle_d_prot          ?     ? ? ? 'X-RAY DIFFRACTION' ? 
x_angle_deg             2.8   ? ? ? 'X-RAY DIFFRACTION' ? 
x_angle_deg_na          ?     ? ? ? 'X-RAY DIFFRACTION' ? 
x_angle_deg_prot        ?     ? ? ? 'X-RAY DIFFRACTION' ? 
x_dihedral_angle_d      ?     ? ? ? 'X-RAY DIFFRACTION' ? 
x_dihedral_angle_d_na   ?     ? ? ? 'X-RAY DIFFRACTION' ? 
x_dihedral_angle_d_prot ?     ? ? ? 'X-RAY DIFFRACTION' ? 
x_improper_angle_d      ?     ? ? ? 'X-RAY DIFFRACTION' ? 
x_improper_angle_d_na   ?     ? ? ? 'X-RAY DIFFRACTION' ? 
x_improper_angle_d_prot ?     ? ? ? 'X-RAY DIFFRACTION' ? 
x_mcbond_it             ?     ? ? ? 'X-RAY DIFFRACTION' ? 
x_mcangle_it            ?     ? ? ? 'X-RAY DIFFRACTION' ? 
x_scbond_it             ?     ? ? ? 'X-RAY DIFFRACTION' ? 
x_scangle_it            ?     ? ? ? 'X-RAY DIFFRACTION' ? 
# 
loop_
_struct_ncs_oper.id 
_struct_ncs_oper.code 
_struct_ncs_oper.details 
_struct_ncs_oper.matrix[1][1] 
_struct_ncs_oper.matrix[1][2] 
_struct_ncs_oper.matrix[1][3] 
_struct_ncs_oper.matrix[2][1] 
_struct_ncs_oper.matrix[2][2] 
_struct_ncs_oper.matrix[2][3] 
_struct_ncs_oper.matrix[3][1] 
_struct_ncs_oper.matrix[3][2] 
_struct_ncs_oper.matrix[3][3] 
_struct_ncs_oper.vector[1] 
_struct_ncs_oper.vector[2] 
_struct_ncs_oper.vector[3] 
1 given ? 0.93683039 0.04927568  -0.34629489 -0.28829537 0.66941261  -0.68467044 0.19807650  0.74125464  0.64133200  -0.66735 0.41853 -0.35158 
2 given ? 0.77051128 -0.21492449 -0.60010045 -0.62599858 -0.07766658 -0.77594754 0.12016192  0.97353711  -0.19438570 0.10367  1.28997 -0.18780 
3 given ? 0.66492223 -0.71885547 -0.20279177 -0.53907153 -0.64979939 0.53587525  -0.51699097 -0.24699579 -0.81958084 -1.06559 0.19666 -0.11537 
4 given ? 0.66920424 -0.55867833 -0.48994335 -0.71969752 -0.65140039 -0.24023519 -0.18493479 0.51337691  -0.83799985 0.49173  0.46417 0.27306  
5 given ? 0.76741666 -0.61955032 0.16501245  -0.23012780 -0.02595050 0.97281429  -0.59842544 -0.78452858 -0.16249015 -0.48188 0.97640 -0.20504 
6 given ? 0.93210613 -0.26764636 0.24401512  0.01640232  0.70423197  0.70978094  -0.36181331 -0.65758912 0.66080890  0.35517  1.21054 0.28066  
# 
_struct.entry_id                  1LEP 
_struct.title                     
'THREE-DIMENSIONAL STRUCTURE OF THE IMMUNODOMINANT HEAT-SHOCK PROTEIN CHAPERONIN-10 OF MYCOBACTERIUM LEPRAE' 
_struct.pdbx_model_details        ? 
_struct.pdbx_CASP_flag            ? 
_struct.pdbx_model_type_details   ? 
# 
_struct_keywords.entry_id        1LEP 
_struct_keywords.pdbx_keywords   CHAPERONE 
_struct_keywords.text            'CHAPERONE, ANTIGEN, HEAT SHOCK' 
# 
loop_
_struct_asym.id 
_struct_asym.pdbx_blank_PDB_chainid_flag 
_struct_asym.pdbx_modified 
_struct_asym.entity_id 
_struct_asym.details 
A N N 1 ? 
B N N 1 ? 
C N N 1 ? 
D N N 1 ? 
E N N 1 ? 
F N N 1 ? 
G N N 1 ? 
# 
_struct_ref.id                         1 
_struct_ref.db_name                    UNP 
_struct_ref.db_code                    CH10_MYCLE 
_struct_ref.entity_id                  1 
_struct_ref.pdbx_db_accession          P24301 
_struct_ref.pdbx_align_begin           1 
_struct_ref.pdbx_seq_one_letter_code   
;AKVKIKPLEDKILVQAGEAETMTPSGLVIPENAKEKPQEGTVVAVGPGRWDEDGAKRIPVDVSEGDIVIYSKYGGTEIKY
NGEEYLILSARDVLAVVSK
;
_struct_ref.pdbx_db_isoform            ? 
# 
loop_
_struct_ref_seq.align_id 
_struct_ref_seq.ref_id 
_struct_ref_seq.pdbx_PDB_id_code 
_struct_ref_seq.pdbx_strand_id 
_struct_ref_seq.seq_align_beg 
_struct_ref_seq.pdbx_seq_align_beg_ins_code 
_struct_ref_seq.seq_align_end 
_struct_ref_seq.pdbx_seq_align_end_ins_code 
_struct_ref_seq.pdbx_db_accession 
_struct_ref_seq.db_align_beg 
_struct_ref_seq.pdbx_db_align_beg_ins_code 
_struct_ref_seq.db_align_end 
_struct_ref_seq.pdbx_db_align_end_ins_code 
_struct_ref_seq.pdbx_auth_seq_align_beg 
_struct_ref_seq.pdbx_auth_seq_align_end 
1 1 1LEP A 1 ? 99 ? P24301 1 ? 99 ? 1 92 
2 1 1LEP B 1 ? 99 ? P24301 1 ? 99 ? 1 92 
3 1 1LEP C 1 ? 99 ? P24301 1 ? 99 ? 1 92 
4 1 1LEP D 1 ? 99 ? P24301 1 ? 99 ? 1 92 
5 1 1LEP E 1 ? 99 ? P24301 1 ? 99 ? 1 92 
6 1 1LEP F 1 ? 99 ? P24301 1 ? 99 ? 1 92 
7 1 1LEP G 1 ? 99 ? P24301 1 ? 99 ? 1 92 
# 
_pdbx_struct_assembly.id                   1 
_pdbx_struct_assembly.details              author_defined_assembly 
_pdbx_struct_assembly.method_details       ? 
_pdbx_struct_assembly.oligomeric_details   heptameric 
_pdbx_struct_assembly.oligomeric_count     7 
# 
_pdbx_struct_assembly_gen.assembly_id       1 
_pdbx_struct_assembly_gen.oper_expression   1 
_pdbx_struct_assembly_gen.asym_id_list      A,B,C,D,E,F,G 
# 
_pdbx_struct_oper_list.id                   1 
_pdbx_struct_oper_list.type                 'identity operation' 
_pdbx_struct_oper_list.name                 1_555 
_pdbx_struct_oper_list.symmetry_operation   x,y,z 
_pdbx_struct_oper_list.matrix[1][1]         1.0000000000 
_pdbx_struct_oper_list.matrix[1][2]         0.0000000000 
_pdbx_struct_oper_list.matrix[1][3]         0.0000000000 
_pdbx_struct_oper_list.vector[1]            0.0000000000 
_pdbx_struct_oper_list.matrix[2][1]         0.0000000000 
_pdbx_struct_oper_list.matrix[2][2]         1.0000000000 
_pdbx_struct_oper_list.matrix[2][3]         0.0000000000 
_pdbx_struct_oper_list.vector[2]            0.0000000000 
_pdbx_struct_oper_list.matrix[3][1]         0.0000000000 
_pdbx_struct_oper_list.matrix[3][2]         0.0000000000 
_pdbx_struct_oper_list.matrix[3][3]         1.0000000000 
_pdbx_struct_oper_list.vector[3]            0.0000000000 
# 
_struct_biol.id   1 
# 
loop_
_pdbx_unobs_or_zero_occ_residues.id 
_pdbx_unobs_or_zero_occ_residues.PDB_model_num 
_pdbx_unobs_or_zero_occ_residues.polymer_flag 
_pdbx_unobs_or_zero_occ_residues.occupancy_flag 
_pdbx_unobs_or_zero_occ_residues.auth_asym_id 
_pdbx_unobs_or_zero_occ_residues.auth_comp_id 
_pdbx_unobs_or_zero_occ_residues.auth_seq_id 
_pdbx_unobs_or_zero_occ_residues.PDB_ins_code 
_pdbx_unobs_or_zero_occ_residues.label_asym_id 
_pdbx_unobs_or_zero_occ_residues.label_comp_id 
_pdbx_unobs_or_zero_occ_residues.label_seq_id 
1   1 Y 1 A GLY 16 A A GLY 17 
2   1 Y 1 A GLU 16 B A GLU 18 
3   1 Y 1 A ALA 16 C A ALA 19 
4   1 Y 1 A GLU 16 D A GLU 20 
5   1 Y 1 A THR 16 E A THR 21 
6   1 Y 1 A MET 16 F A MET 22 
7   1 Y 1 A THR 16 G A THR 23 
8   1 Y 1 A PRO 16 H A PRO 24 
9   1 Y 1 A SER 16 I A SER 25 
10  1 Y 1 A GLY 16 J A GLY 26 
11  1 Y 1 A LEU 16 K A LEU 27 
12  1 Y 1 A VAL 16 L A VAL 28 
13  1 Y 1 A ILE 16 M A ILE 29 
14  1 Y 1 A PRO 16 N A PRO 30 
15  1 Y 1 A GLU 16 O A GLU 31 
16  1 Y 1 A ASN 16 P A ASN 32 
17  1 Y 1 A ALA 16 Q A ALA 33 
18  1 Y 1 A LYS 16 R A LYS 34 
19  1 Y 1 B GLY 16 A B GLY 17 
20  1 Y 1 B GLU 16 B B GLU 18 
21  1 Y 1 B ALA 16 C B ALA 19 
22  1 Y 1 B GLU 16 D B GLU 20 
23  1 Y 1 B THR 16 E B THR 21 
24  1 Y 1 B MET 16 F B MET 22 
25  1 Y 1 B THR 16 G B THR 23 
26  1 Y 1 B PRO 16 H B PRO 24 
27  1 Y 1 B SER 16 I B SER 25 
28  1 Y 1 B GLY 16 J B GLY 26 
29  1 Y 1 B LEU 16 K B LEU 27 
30  1 Y 1 B VAL 16 L B VAL 28 
31  1 Y 1 B ILE 16 M B ILE 29 
32  1 Y 1 B PRO 16 N B PRO 30 
33  1 Y 1 B GLU 16 O B GLU 31 
34  1 Y 1 B ASN 16 P B ASN 32 
35  1 Y 1 B ALA 16 Q B ALA 33 
36  1 Y 1 B LYS 16 R B LYS 34 
37  1 Y 1 C GLY 16 A C GLY 17 
38  1 Y 1 C GLU 16 B C GLU 18 
39  1 Y 1 C ALA 16 C C ALA 19 
40  1 Y 1 C GLU 16 D C GLU 20 
41  1 Y 1 C THR 16 E C THR 21 
42  1 Y 1 C MET 16 F C MET 22 
43  1 Y 1 C THR 16 G C THR 23 
44  1 Y 1 C PRO 16 H C PRO 24 
45  1 Y 1 C SER 16 I C SER 25 
46  1 Y 1 C GLY 16 J C GLY 26 
47  1 Y 1 C LEU 16 K C LEU 27 
48  1 Y 1 C VAL 16 L C VAL 28 
49  1 Y 1 C ILE 16 M C ILE 29 
50  1 Y 1 C PRO 16 N C PRO 30 
51  1 Y 1 C GLU 16 O C GLU 31 
52  1 Y 1 C ASN 16 P C ASN 32 
53  1 Y 1 C ALA 16 Q C ALA 33 
54  1 Y 1 C LYS 16 R C LYS 34 
55  1 Y 1 D GLY 16 A D GLY 17 
56  1 Y 1 D GLU 16 B D GLU 18 
57  1 Y 1 D ALA 16 C D ALA 19 
58  1 Y 1 D GLU 16 D D GLU 20 
59  1 Y 1 D THR 16 E D THR 21 
60  1 Y 1 D MET 16 F D MET 22 
61  1 Y 1 D THR 16 G D THR 23 
62  1 Y 1 D PRO 16 H D PRO 24 
63  1 Y 1 D SER 16 I D SER 25 
64  1 Y 1 D GLY 16 J D GLY 26 
65  1 Y 1 D LEU 16 K D LEU 27 
66  1 Y 1 D VAL 16 L D VAL 28 
67  1 Y 1 D ILE 16 M D ILE 29 
68  1 Y 1 D PRO 16 N D PRO 30 
69  1 Y 1 D GLU 16 O D GLU 31 
70  1 Y 1 D ASN 16 P D ASN 32 
71  1 Y 1 D ALA 16 Q D ALA 33 
72  1 Y 1 D LYS 16 R D LYS 34 
73  1 Y 1 E GLY 16 A E GLY 17 
74  1 Y 1 E GLU 16 B E GLU 18 
75  1 Y 1 E ALA 16 C E ALA 19 
76  1 Y 1 E GLU 16 D E GLU 20 
77  1 Y 1 E THR 16 E E THR 21 
78  1 Y 1 E MET 16 F E MET 22 
79  1 Y 1 E THR 16 G E THR 23 
80  1 Y 1 E PRO 16 H E PRO 24 
81  1 Y 1 E SER 16 I E SER 25 
82  1 Y 1 E GLY 16 J E GLY 26 
83  1 Y 1 E LEU 16 K E LEU 27 
84  1 Y 1 E VAL 16 L E VAL 28 
85  1 Y 1 E ILE 16 M E ILE 29 
86  1 Y 1 E PRO 16 N E PRO 30 
87  1 Y 1 E GLU 16 O E GLU 31 
88  1 Y 1 E ASN 16 P E ASN 32 
89  1 Y 1 E ALA 16 Q E ALA 33 
90  1 Y 1 E LYS 16 R E LYS 34 
91  1 Y 1 F GLY 16 A F GLY 17 
92  1 Y 1 F GLU 16 B F GLU 18 
93  1 Y 1 F ALA 16 C F ALA 19 
94  1 Y 1 F GLU 16 D F GLU 20 
95  1 Y 1 F THR 16 E F THR 21 
96  1 Y 1 F MET 16 F F MET 22 
97  1 Y 1 F THR 16 G F THR 23 
98  1 Y 1 F PRO 16 H F PRO 24 
99  1 Y 1 F SER 16 I F SER 25 
100 1 Y 1 F GLY 16 J F GLY 26 
101 1 Y 1 F LEU 16 K F LEU 27 
102 1 Y 1 F VAL 16 L F VAL 28 
103 1 Y 1 F ILE 16 M F ILE 29 
104 1 Y 1 F PRO 16 N F PRO 30 
105 1 Y 1 F GLU 16 O F GLU 31 
106 1 Y 1 F ASN 16 P F ASN 32 
107 1 Y 1 F ALA 16 Q F ALA 33 
108 1 Y 1 F LYS 16 R F LYS 34 
109 1 Y 1 G GLY 16 A G GLY 17 
110 1 Y 1 G GLU 16 B G GLU 18 
111 1 Y 1 G ALA 16 C G ALA 19 
112 1 Y 1 G GLU 16 D G GLU 20 
113 1 Y 1 G THR 16 E G THR 21 
114 1 Y 1 G MET 16 F G MET 22 
115 1 Y 1 G THR 16 G G THR 23 
116 1 Y 1 G PRO 16 H G PRO 24 
117 1 Y 1 G SER 16 I G SER 25 
118 1 Y 1 G GLY 16 J G GLY 26 
119 1 Y 1 G LEU 16 K G LEU 27 
120 1 Y 1 G VAL 16 L G VAL 28 
121 1 Y 1 G ILE 16 M G ILE 29 
122 1 Y 1 G PRO 16 N G PRO 30 
123 1 Y 1 G GLU 16 O G GLU 31 
124 1 Y 1 G ASN 16 P G ASN 32 
125 1 Y 1 G ALA 16 Q G ALA 33 
126 1 Y 1 G LYS 16 R G LYS 34 
# 
loop_
_chem_comp_atom.comp_id 
_chem_comp_atom.atom_id 
_chem_comp_atom.type_symbol 
_chem_comp_atom.pdbx_aromatic_flag 
_chem_comp_atom.pdbx_stereo_config 
_chem_comp_atom.pdbx_ordinal 
ALA N    N N N 1   
ALA CA   C N S 2   
ALA C    C N N 3   
ALA O    O N N 4   
ALA CB   C N N 5   
ALA OXT  O N N 6   
ALA H    H N N 7   
ALA H2   H N N 8   
ALA HA   H N N 9   
ALA HB1  H N N 10  
ALA HB2  H N N 11  
ALA HB3  H N N 12  
ALA HXT  H N N 13  
ARG N    N N N 14  
ARG CA   C N S 15  
ARG C    C N N 16  
ARG O    O N N 17  
ARG CB   C N N 18  
ARG CG   C N N 19  
ARG CD   C N N 20  
ARG NE   N N N 21  
ARG CZ   C N N 22  
ARG NH1  N N N 23  
ARG NH2  N N N 24  
ARG OXT  O N N 25  
ARG H    H N N 26  
ARG H2   H N N 27  
ARG HA   H N N 28  
ARG HB2  H N N 29  
ARG HB3  H N N 30  
ARG HG2  H N N 31  
ARG HG3  H N N 32  
ARG HD2  H N N 33  
ARG HD3  H N N 34  
ARG HE   H N N 35  
ARG HH11 H N N 36  
ARG HH12 H N N 37  
ARG HH21 H N N 38  
ARG HH22 H N N 39  
ARG HXT  H N N 40  
ASN N    N N N 41  
ASN CA   C N S 42  
ASN C    C N N 43  
ASN O    O N N 44  
ASN CB   C N N 45  
ASN CG   C N N 46  
ASN OD1  O N N 47  
ASN ND2  N N N 48  
ASN OXT  O N N 49  
ASN H    H N N 50  
ASN H2   H N N 51  
ASN HA   H N N 52  
ASN HB2  H N N 53  
ASN HB3  H N N 54  
ASN HD21 H N N 55  
ASN HD22 H N N 56  
ASN HXT  H N N 57  
ASP N    N N N 58  
ASP CA   C N S 59  
ASP C    C N N 60  
ASP O    O N N 61  
ASP CB   C N N 62  
ASP CG   C N N 63  
ASP OD1  O N N 64  
ASP OD2  O N N 65  
ASP OXT  O N N 66  
ASP H    H N N 67  
ASP H2   H N N 68  
ASP HA   H N N 69  
ASP HB2  H N N 70  
ASP HB3  H N N 71  
ASP HD2  H N N 72  
ASP HXT  H N N 73  
GLN N    N N N 74  
GLN CA   C N S 75  
GLN C    C N N 76  
GLN O    O N N 77  
GLN CB   C N N 78  
GLN CG   C N N 79  
GLN CD   C N N 80  
GLN OE1  O N N 81  
GLN NE2  N N N 82  
GLN OXT  O N N 83  
GLN H    H N N 84  
GLN H2   H N N 85  
GLN HA   H N N 86  
GLN HB2  H N N 87  
GLN HB3  H N N 88  
GLN HG2  H N N 89  
GLN HG3  H N N 90  
GLN HE21 H N N 91  
GLN HE22 H N N 92  
GLN HXT  H N N 93  
GLU N    N N N 94  
GLU CA   C N S 95  
GLU C    C N N 96  
GLU O    O N N 97  
GLU CB   C N N 98  
GLU CG   C N N 99  
GLU CD   C N N 100 
GLU OE1  O N N 101 
GLU OE2  O N N 102 
GLU OXT  O N N 103 
GLU H    H N N 104 
GLU H2   H N N 105 
GLU HA   H N N 106 
GLU HB2  H N N 107 
GLU HB3  H N N 108 
GLU HG2  H N N 109 
GLU HG3  H N N 110 
GLU HE2  H N N 111 
GLU HXT  H N N 112 
GLY N    N N N 113 
GLY CA   C N N 114 
GLY C    C N N 115 
GLY O    O N N 116 
GLY OXT  O N N 117 
GLY H    H N N 118 
GLY H2   H N N 119 
GLY HA2  H N N 120 
GLY HA3  H N N 121 
GLY HXT  H N N 122 
ILE N    N N N 123 
ILE CA   C N S 124 
ILE C    C N N 125 
ILE O    O N N 126 
ILE CB   C N S 127 
ILE CG1  C N N 128 
ILE CG2  C N N 129 
ILE CD1  C N N 130 
ILE OXT  O N N 131 
ILE H    H N N 132 
ILE H2   H N N 133 
ILE HA   H N N 134 
ILE HB   H N N 135 
ILE HG12 H N N 136 
ILE HG13 H N N 137 
ILE HG21 H N N 138 
ILE HG22 H N N 139 
ILE HG23 H N N 140 
ILE HD11 H N N 141 
ILE HD12 H N N 142 
ILE HD13 H N N 143 
ILE HXT  H N N 144 
LEU N    N N N 145 
LEU CA   C N S 146 
LEU C    C N N 147 
LEU O    O N N 148 
LEU CB   C N N 149 
LEU CG   C N N 150 
LEU CD1  C N N 151 
LEU CD2  C N N 152 
LEU OXT  O N N 153 
LEU H    H N N 154 
LEU H2   H N N 155 
LEU HA   H N N 156 
LEU HB2  H N N 157 
LEU HB3  H N N 158 
LEU HG   H N N 159 
LEU HD11 H N N 160 
LEU HD12 H N N 161 
LEU HD13 H N N 162 
LEU HD21 H N N 163 
LEU HD22 H N N 164 
LEU HD23 H N N 165 
LEU HXT  H N N 166 
LYS N    N N N 167 
LYS CA   C N S 168 
LYS C    C N N 169 
LYS O    O N N 170 
LYS CB   C N N 171 
LYS CG   C N N 172 
LYS CD   C N N 173 
LYS CE   C N N 174 
LYS NZ   N N N 175 
LYS OXT  O N N 176 
LYS H    H N N 177 
LYS H2   H N N 178 
LYS HA   H N N 179 
LYS HB2  H N N 180 
LYS HB3  H N N 181 
LYS HG2  H N N 182 
LYS HG3  H N N 183 
LYS HD2  H N N 184 
LYS HD3  H N N 185 
LYS HE2  H N N 186 
LYS HE3  H N N 187 
LYS HZ1  H N N 188 
LYS HZ2  H N N 189 
LYS HZ3  H N N 190 
LYS HXT  H N N 191 
MET N    N N N 192 
MET CA   C N S 193 
MET C    C N N 194 
MET O    O N N 195 
MET CB   C N N 196 
MET CG   C N N 197 
MET SD   S N N 198 
MET CE   C N N 199 
MET OXT  O N N 200 
MET H    H N N 201 
MET H2   H N N 202 
MET HA   H N N 203 
MET HB2  H N N 204 
MET HB3  H N N 205 
MET HG2  H N N 206 
MET HG3  H N N 207 
MET HE1  H N N 208 
MET HE2  H N N 209 
MET HE3  H N N 210 
MET HXT  H N N 211 
PRO N    N N N 212 
PRO CA   C N S 213 
PRO C    C N N 214 
PRO O    O N N 215 
PRO CB   C N N 216 
PRO CG   C N N 217 
PRO CD   C N N 218 
PRO OXT  O N N 219 
PRO H    H N N 220 
PRO HA   H N N 221 
PRO HB2  H N N 222 
PRO HB3  H N N 223 
PRO HG2  H N N 224 
PRO HG3  H N N 225 
PRO HD2  H N N 226 
PRO HD3  H N N 227 
PRO HXT  H N N 228 
SER N    N N N 229 
SER CA   C N S 230 
SER C    C N N 231 
SER O    O N N 232 
SER CB   C N N 233 
SER OG   O N N 234 
SER OXT  O N N 235 
SER H    H N N 236 
SER H2   H N N 237 
SER HA   H N N 238 
SER HB2  H N N 239 
SER HB3  H N N 240 
SER HG   H N N 241 
SER HXT  H N N 242 
THR N    N N N 243 
THR CA   C N S 244 
THR C    C N N 245 
THR O    O N N 246 
THR CB   C N R 247 
THR OG1  O N N 248 
THR CG2  C N N 249 
THR OXT  O N N 250 
THR H    H N N 251 
THR H2   H N N 252 
THR HA   H N N 253 
THR HB   H N N 254 
THR HG1  H N N 255 
THR HG21 H N N 256 
THR HG22 H N N 257 
THR HG23 H N N 258 
THR HXT  H N N 259 
TRP N    N N N 260 
TRP CA   C N S 261 
TRP C    C N N 262 
TRP O    O N N 263 
TRP CB   C N N 264 
TRP CG   C Y N 265 
TRP CD1  C Y N 266 
TRP CD2  C Y N 267 
TRP NE1  N Y N 268 
TRP CE2  C Y N 269 
TRP CE3  C Y N 270 
TRP CZ2  C Y N 271 
TRP CZ3  C Y N 272 
TRP CH2  C Y N 273 
TRP OXT  O N N 274 
TRP H    H N N 275 
TRP H2   H N N 276 
TRP HA   H N N 277 
TRP HB2  H N N 278 
TRP HB3  H N N 279 
TRP HD1  H N N 280 
TRP HE1  H N N 281 
TRP HE3  H N N 282 
TRP HZ2  H N N 283 
TRP HZ3  H N N 284 
TRP HH2  H N N 285 
TRP HXT  H N N 286 
TYR N    N N N 287 
TYR CA   C N S 288 
TYR C    C N N 289 
TYR O    O N N 290 
TYR CB   C N N 291 
TYR CG   C Y N 292 
TYR CD1  C Y N 293 
TYR CD2  C Y N 294 
TYR CE1  C Y N 295 
TYR CE2  C Y N 296 
TYR CZ   C Y N 297 
TYR OH   O N N 298 
TYR OXT  O N N 299 
TYR H    H N N 300 
TYR H2   H N N 301 
TYR HA   H N N 302 
TYR HB2  H N N 303 
TYR HB3  H N N 304 
TYR HD1  H N N 305 
TYR HD2  H N N 306 
TYR HE1  H N N 307 
TYR HE2  H N N 308 
TYR HH   H N N 309 
TYR HXT  H N N 310 
VAL N    N N N 311 
VAL CA   C N S 312 
VAL C    C N N 313 
VAL O    O N N 314 
VAL CB   C N N 315 
VAL CG1  C N N 316 
VAL CG2  C N N 317 
VAL OXT  O N N 318 
VAL H    H N N 319 
VAL H2   H N N 320 
VAL HA   H N N 321 
VAL HB   H N N 322 
VAL HG11 H N N 323 
VAL HG12 H N N 324 
VAL HG13 H N N 325 
VAL HG21 H N N 326 
VAL HG22 H N N 327 
VAL HG23 H N N 328 
VAL HXT  H N N 329 
# 
loop_
_chem_comp_bond.comp_id 
_chem_comp_bond.atom_id_1 
_chem_comp_bond.atom_id_2 
_chem_comp_bond.value_order 
_chem_comp_bond.pdbx_aromatic_flag 
_chem_comp_bond.pdbx_stereo_config 
_chem_comp_bond.pdbx_ordinal 
ALA N   CA   sing N N 1   
ALA N   H    sing N N 2   
ALA N   H2   sing N N 3   
ALA CA  C    sing N N 4   
ALA CA  CB   sing N N 5   
ALA CA  HA   sing N N 6   
ALA C   O    doub N N 7   
ALA C   OXT  sing N N 8   
ALA CB  HB1  sing N N 9   
ALA CB  HB2  sing N N 10  
ALA CB  HB3  sing N N 11  
ALA OXT HXT  sing N N 12  
ARG N   CA   sing N N 13  
ARG N   H    sing N N 14  
ARG N   H2   sing N N 15  
ARG CA  C    sing N N 16  
ARG CA  CB   sing N N 17  
ARG CA  HA   sing N N 18  
ARG C   O    doub N N 19  
ARG C   OXT  sing N N 20  
ARG CB  CG   sing N N 21  
ARG CB  HB2  sing N N 22  
ARG CB  HB3  sing N N 23  
ARG CG  CD   sing N N 24  
ARG CG  HG2  sing N N 25  
ARG CG  HG3  sing N N 26  
ARG CD  NE   sing N N 27  
ARG CD  HD2  sing N N 28  
ARG CD  HD3  sing N N 29  
ARG NE  CZ   sing N N 30  
ARG NE  HE   sing N N 31  
ARG CZ  NH1  sing N N 32  
ARG CZ  NH2  doub N N 33  
ARG NH1 HH11 sing N N 34  
ARG NH1 HH12 sing N N 35  
ARG NH2 HH21 sing N N 36  
ARG NH2 HH22 sing N N 37  
ARG OXT HXT  sing N N 38  
ASN N   CA   sing N N 39  
ASN N   H    sing N N 40  
ASN N   H2   sing N N 41  
ASN CA  C    sing N N 42  
ASN CA  CB   sing N N 43  
ASN CA  HA   sing N N 44  
ASN C   O    doub N N 45  
ASN C   OXT  sing N N 46  
ASN CB  CG   sing N N 47  
ASN CB  HB2  sing N N 48  
ASN CB  HB3  sing N N 49  
ASN CG  OD1  doub N N 50  
ASN CG  ND2  sing N N 51  
ASN ND2 HD21 sing N N 52  
ASN ND2 HD22 sing N N 53  
ASN OXT HXT  sing N N 54  
ASP N   CA   sing N N 55  
ASP N   H    sing N N 56  
ASP N   H2   sing N N 57  
ASP CA  C    sing N N 58  
ASP CA  CB   sing N N 59  
ASP CA  HA   sing N N 60  
ASP C   O    doub N N 61  
ASP C   OXT  sing N N 62  
ASP CB  CG   sing N N 63  
ASP CB  HB2  sing N N 64  
ASP CB  HB3  sing N N 65  
ASP CG  OD1  doub N N 66  
ASP CG  OD2  sing N N 67  
ASP OD2 HD2  sing N N 68  
ASP OXT HXT  sing N N 69  
GLN N   CA   sing N N 70  
GLN N   H    sing N N 71  
GLN N   H2   sing N N 72  
GLN CA  C    sing N N 73  
GLN CA  CB   sing N N 74  
GLN CA  HA   sing N N 75  
GLN C   O    doub N N 76  
GLN C   OXT  sing N N 77  
GLN CB  CG   sing N N 78  
GLN CB  HB2  sing N N 79  
GLN CB  HB3  sing N N 80  
GLN CG  CD   sing N N 81  
GLN CG  HG2  sing N N 82  
GLN CG  HG3  sing N N 83  
GLN CD  OE1  doub N N 84  
GLN CD  NE2  sing N N 85  
GLN NE2 HE21 sing N N 86  
GLN NE2 HE22 sing N N 87  
GLN OXT HXT  sing N N 88  
GLU N   CA   sing N N 89  
GLU N   H    sing N N 90  
GLU N   H2   sing N N 91  
GLU CA  C    sing N N 92  
GLU CA  CB   sing N N 93  
GLU CA  HA   sing N N 94  
GLU C   O    doub N N 95  
GLU C   OXT  sing N N 96  
GLU CB  CG   sing N N 97  
GLU CB  HB2  sing N N 98  
GLU CB  HB3  sing N N 99  
GLU CG  CD   sing N N 100 
GLU CG  HG2  sing N N 101 
GLU CG  HG3  sing N N 102 
GLU CD  OE1  doub N N 103 
GLU CD  OE2  sing N N 104 
GLU OE2 HE2  sing N N 105 
GLU OXT HXT  sing N N 106 
GLY N   CA   sing N N 107 
GLY N   H    sing N N 108 
GLY N   H2   sing N N 109 
GLY CA  C    sing N N 110 
GLY CA  HA2  sing N N 111 
GLY CA  HA3  sing N N 112 
GLY C   O    doub N N 113 
GLY C   OXT  sing N N 114 
GLY OXT HXT  sing N N 115 
ILE N   CA   sing N N 116 
ILE N   H    sing N N 117 
ILE N   H2   sing N N 118 
ILE CA  C    sing N N 119 
ILE CA  CB   sing N N 120 
ILE CA  HA   sing N N 121 
ILE C   O    doub N N 122 
ILE C   OXT  sing N N 123 
ILE CB  CG1  sing N N 124 
ILE CB  CG2  sing N N 125 
ILE CB  HB   sing N N 126 
ILE CG1 CD1  sing N N 127 
ILE CG1 HG12 sing N N 128 
ILE CG1 HG13 sing N N 129 
ILE CG2 HG21 sing N N 130 
ILE CG2 HG22 sing N N 131 
ILE CG2 HG23 sing N N 132 
ILE CD1 HD11 sing N N 133 
ILE CD1 HD12 sing N N 134 
ILE CD1 HD13 sing N N 135 
ILE OXT HXT  sing N N 136 
LEU N   CA   sing N N 137 
LEU N   H    sing N N 138 
LEU N   H2   sing N N 139 
LEU CA  C    sing N N 140 
LEU CA  CB   sing N N 141 
LEU CA  HA   sing N N 142 
LEU C   O    doub N N 143 
LEU C   OXT  sing N N 144 
LEU CB  CG   sing N N 145 
LEU CB  HB2  sing N N 146 
LEU CB  HB3  sing N N 147 
LEU CG  CD1  sing N N 148 
LEU CG  CD2  sing N N 149 
LEU CG  HG   sing N N 150 
LEU CD1 HD11 sing N N 151 
LEU CD1 HD12 sing N N 152 
LEU CD1 HD13 sing N N 153 
LEU CD2 HD21 sing N N 154 
LEU CD2 HD22 sing N N 155 
LEU CD2 HD23 sing N N 156 
LEU OXT HXT  sing N N 157 
LYS N   CA   sing N N 158 
LYS N   H    sing N N 159 
LYS N   H2   sing N N 160 
LYS CA  C    sing N N 161 
LYS CA  CB   sing N N 162 
LYS CA  HA   sing N N 163 
LYS C   O    doub N N 164 
LYS C   OXT  sing N N 165 
LYS CB  CG   sing N N 166 
LYS CB  HB2  sing N N 167 
LYS CB  HB3  sing N N 168 
LYS CG  CD   sing N N 169 
LYS CG  HG2  sing N N 170 
LYS CG  HG3  sing N N 171 
LYS CD  CE   sing N N 172 
LYS CD  HD2  sing N N 173 
LYS CD  HD3  sing N N 174 
LYS CE  NZ   sing N N 175 
LYS CE  HE2  sing N N 176 
LYS CE  HE3  sing N N 177 
LYS NZ  HZ1  sing N N 178 
LYS NZ  HZ2  sing N N 179 
LYS NZ  HZ3  sing N N 180 
LYS OXT HXT  sing N N 181 
MET N   CA   sing N N 182 
MET N   H    sing N N 183 
MET N   H2   sing N N 184 
MET CA  C    sing N N 185 
MET CA  CB   sing N N 186 
MET CA  HA   sing N N 187 
MET C   O    doub N N 188 
MET C   OXT  sing N N 189 
MET CB  CG   sing N N 190 
MET CB  HB2  sing N N 191 
MET CB  HB3  sing N N 192 
MET CG  SD   sing N N 193 
MET CG  HG2  sing N N 194 
MET CG  HG3  sing N N 195 
MET SD  CE   sing N N 196 
MET CE  HE1  sing N N 197 
MET CE  HE2  sing N N 198 
MET CE  HE3  sing N N 199 
MET OXT HXT  sing N N 200 
PRO N   CA   sing N N 201 
PRO N   CD   sing N N 202 
PRO N   H    sing N N 203 
PRO CA  C    sing N N 204 
PRO CA  CB   sing N N 205 
PRO CA  HA   sing N N 206 
PRO C   O    doub N N 207 
PRO C   OXT  sing N N 208 
PRO CB  CG   sing N N 209 
PRO CB  HB2  sing N N 210 
PRO CB  HB3  sing N N 211 
PRO CG  CD   sing N N 212 
PRO CG  HG2  sing N N 213 
PRO CG  HG3  sing N N 214 
PRO CD  HD2  sing N N 215 
PRO CD  HD3  sing N N 216 
PRO OXT HXT  sing N N 217 
SER N   CA   sing N N 218 
SER N   H    sing N N 219 
SER N   H2   sing N N 220 
SER CA  C    sing N N 221 
SER CA  CB   sing N N 222 
SER CA  HA   sing N N 223 
SER C   O    doub N N 224 
SER C   OXT  sing N N 225 
SER CB  OG   sing N N 226 
SER CB  HB2  sing N N 227 
SER CB  HB3  sing N N 228 
SER OG  HG   sing N N 229 
SER OXT HXT  sing N N 230 
THR N   CA   sing N N 231 
THR N   H    sing N N 232 
THR N   H2   sing N N 233 
THR CA  C    sing N N 234 
THR CA  CB   sing N N 235 
THR CA  HA   sing N N 236 
THR C   O    doub N N 237 
THR C   OXT  sing N N 238 
THR CB  OG1  sing N N 239 
THR CB  CG2  sing N N 240 
THR CB  HB   sing N N 241 
THR OG1 HG1  sing N N 242 
THR CG2 HG21 sing N N 243 
THR CG2 HG22 sing N N 244 
THR CG2 HG23 sing N N 245 
THR OXT HXT  sing N N 246 
TRP N   CA   sing N N 247 
TRP N   H    sing N N 248 
TRP N   H2   sing N N 249 
TRP CA  C    sing N N 250 
TRP CA  CB   sing N N 251 
TRP CA  HA   sing N N 252 
TRP C   O    doub N N 253 
TRP C   OXT  sing N N 254 
TRP CB  CG   sing N N 255 
TRP CB  HB2  sing N N 256 
TRP CB  HB3  sing N N 257 
TRP CG  CD1  doub Y N 258 
TRP CG  CD2  sing Y N 259 
TRP CD1 NE1  sing Y N 260 
TRP CD1 HD1  sing N N 261 
TRP CD2 CE2  doub Y N 262 
TRP CD2 CE3  sing Y N 263 
TRP NE1 CE2  sing Y N 264 
TRP NE1 HE1  sing N N 265 
TRP CE2 CZ2  sing Y N 266 
TRP CE3 CZ3  doub Y N 267 
TRP CE3 HE3  sing N N 268 
TRP CZ2 CH2  doub Y N 269 
TRP CZ2 HZ2  sing N N 270 
TRP CZ3 CH2  sing Y N 271 
TRP CZ3 HZ3  sing N N 272 
TRP CH2 HH2  sing N N 273 
TRP OXT HXT  sing N N 274 
TYR N   CA   sing N N 275 
TYR N   H    sing N N 276 
TYR N   H2   sing N N 277 
TYR CA  C    sing N N 278 
TYR CA  CB   sing N N 279 
TYR CA  HA   sing N N 280 
TYR C   O    doub N N 281 
TYR C   OXT  sing N N 282 
TYR CB  CG   sing N N 283 
TYR CB  HB2  sing N N 284 
TYR CB  HB3  sing N N 285 
TYR CG  CD1  doub Y N 286 
TYR CG  CD2  sing Y N 287 
TYR CD1 CE1  sing Y N 288 
TYR CD1 HD1  sing N N 289 
TYR CD2 CE2  doub Y N 290 
TYR CD2 HD2  sing N N 291 
TYR CE1 CZ   doub Y N 292 
TYR CE1 HE1  sing N N 293 
TYR CE2 CZ   sing Y N 294 
TYR CE2 HE2  sing N N 295 
TYR CZ  OH   sing N N 296 
TYR OH  HH   sing N N 297 
TYR OXT HXT  sing N N 298 
VAL N   CA   sing N N 299 
VAL N   H    sing N N 300 
VAL N   H2   sing N N 301 
VAL CA  C    sing N N 302 
VAL CA  CB   sing N N 303 
VAL CA  HA   sing N N 304 
VAL C   O    doub N N 305 
VAL C   OXT  sing N N 306 
VAL CB  CG1  sing N N 307 
VAL CB  CG2  sing N N 308 
VAL CB  HB   sing N N 309 
VAL CG1 HG11 sing N N 310 
VAL CG1 HG12 sing N N 311 
VAL CG1 HG13 sing N N 312 
VAL CG2 HG21 sing N N 313 
VAL CG2 HG22 sing N N 314 
VAL CG2 HG23 sing N N 315 
VAL OXT HXT  sing N N 316 
# 
loop_
_pdbx_coordinate_model.asym_id 
_pdbx_coordinate_model.type 
A 'CA ATOMS ONLY' 
B 'CA ATOMS ONLY' 
C 'CA ATOMS ONLY' 
D 'CA ATOMS ONLY' 
E 'CA ATOMS ONLY' 
F 'CA ATOMS ONLY' 
G 'CA ATOMS ONLY' 
# 
_atom_sites.entry_id                    1LEP 
_atom_sites.fract_transf_matrix[1][1]   0.00807831 
_atom_sites.fract_transf_matrix[1][2]   -0.00290591 
_atom_sites.fract_transf_matrix[1][3]   -0.00217784 
_atom_sites.fract_transf_matrix[2][1]   -0.00317708 
_atom_sites.fract_transf_matrix[2][2]   -0.00552280 
_atom_sites.fract_transf_matrix[2][3]   -0.00441569 
_atom_sites.fract_transf_matrix[3][1]   0.00010691 
_atom_sites.fract_transf_matrix[3][2]   0.00566472 
_atom_sites.fract_transf_matrix[3][3]   -0.00716191 
_atom_sites.fract_transf_vector[1]      0.164239 
_atom_sites.fract_transf_vector[2]      0.262709 
_atom_sites.fract_transf_vector[3]      0.241880 
# 
_atom_type.symbol   C 
# 
loop_
_atom_site.group_PDB 
_atom_site.id 
_atom_site.type_symbol 
_atom_site.label_atom_id 
_atom_site.label_alt_id 
_atom_site.label_comp_id 
_atom_site.label_asym_id 
_atom_site.label_entity_id 
_atom_site.label_seq_id 
_atom_site.pdbx_PDB_ins_code 
_atom_site.Cartn_x 
_atom_site.Cartn_y 
_atom_site.Cartn_z 
_atom_site.occupancy 
_atom_site.B_iso_or_equiv 
_atom_site.pdbx_formal_charge 
_atom_site.auth_seq_id 
_atom_site.auth_comp_id 
_atom_site.auth_asym_id 
_atom_site.auth_atom_id 
_atom_site.pdbx_PDB_model_num 
ATOM 1   C CA . ALA A 1 1  ? -5.487  -23.183 34.799  1.00 89.55  ? 1  ALA A CA 1 
ATOM 2   C CA . LYS A 1 2  ? -3.379  -25.302 32.594  1.00 40.66  ? 2  LYS A CA 1 
ATOM 3   C CA . VAL A 1 3  ? -3.895  -23.458 29.309  1.00 17.10  ? 3  VAL A CA 1 
ATOM 4   C CA . LYS A 1 4  ? -1.285  -21.025 28.048  1.00 21.97  ? 4  LYS A CA 1 
ATOM 5   C CA . ILE A 1 5  ? -2.155  -18.771 25.087  1.00 8.49   ? 5  ILE A CA 1 
ATOM 6   C CA . LYS A 1 6  ? 0.588   -18.000 22.575  1.00 2.00   ? 6  LYS A CA 1 
ATOM 7   C CA . PRO A 1 7  ? 0.509   -14.961 20.231  1.00 9.88   ? 7  PRO A CA 1 
ATOM 8   C CA . LEU A 1 8  ? 1.232   -15.561 16.558  1.00 2.00   ? 8  LEU A CA 1 
ATOM 9   C CA . GLU A 1 9  ? 3.199   -13.311 14.192  1.00 2.00   ? 9  GLU A CA 1 
ATOM 10  C CA . ASP A 1 10 ? 3.891   -10.078 16.075  1.00 2.00   ? 10 ASP A CA 1 
ATOM 11  C CA . LYS A 1 11 ? 0.901   -9.990  18.333  1.00 21.42  ? 11 LYS A CA 1 
ATOM 12  C CA . ILE A 1 12 ? 1.448   -9.434  22.086  1.00 14.93  ? 12 ILE A CA 1 
ATOM 13  C CA . LEU A 1 13 ? -0.835  -10.491 24.923  1.00 13.49  ? 13 LEU A CA 1 
ATOM 14  C CA . VAL A 1 14 ? -0.794  -7.793  27.614  1.00 51.97  ? 14 VAL A CA 1 
ATOM 15  C CA . GLN A 1 15 ? -2.472  -7.998  31.094  1.00 33.57  ? 15 GLN A CA 1 
ATOM 16  C CA . ALA A 1 16 ? -4.606  -4.840  31.401  1.00 71.13  ? 16 ALA A CA 1 
ATOM 17  C CA . GLU A 1 35 ? -10.107 3.964   23.647  1.00 99.64  ? 28 GLU A CA 1 
ATOM 18  C CA . LYS A 1 36 ? -7.282  5.714   25.479  1.00 58.54  ? 29 LYS A CA 1 
ATOM 19  C CA . PRO A 1 37 ? -3.848  4.393   26.619  1.00 46.94  ? 30 PRO A CA 1 
ATOM 20  C CA . GLN A 1 38 ? -3.546  1.573   29.119  1.00 51.18  ? 31 GLN A CA 1 
ATOM 21  C CA . GLU A 1 39 ? -0.452  0.146   30.796  1.00 48.43  ? 32 GLU A CA 1 
ATOM 22  C CA . GLY A 1 40 ? 0.272   -3.507  31.695  1.00 35.20  ? 33 GLY A CA 1 
ATOM 23  C CA . THR A 1 41 ? 2.965   -6.181  31.776  1.00 2.00   ? 34 THR A CA 1 
ATOM 24  C CA . VAL A 1 42 ? 3.313   -8.183  28.493  1.00 9.65   ? 35 VAL A CA 1 
ATOM 25  C CA . VAL A 1 43 ? 3.252   -12.029 28.241  1.00 2.00   ? 36 VAL A CA 1 
ATOM 26  C CA . ALA A 1 44 ? 3.696   -12.818 24.609  1.00 2.00   ? 37 ALA A CA 1 
ATOM 27  C CA . VAL A 1 45 ? 6.313   -14.859 22.891  1.00 47.64  ? 38 VAL A CA 1 
ATOM 28  C CA . GLY A 1 46 ? 5.550   -13.171 19.600  1.00 35.31  ? 39 GLY A CA 1 
ATOM 29  C CA . PRO A 1 47 ? 7.736   -14.850 16.956  1.00 5.31   ? 40 PRO A CA 1 
ATOM 30  C CA . GLY A 1 48 ? 7.999   -11.772 14.759  1.00 2.00   ? 41 GLY A CA 1 
ATOM 31  C CA . ARG A 1 49 ? 6.522   -11.426 11.266  1.00 19.91  ? 42 ARG A CA 1 
ATOM 32  C CA . TRP A 1 50 ? 8.390   -13.058 8.387   1.00 36.33  ? 43 TRP A CA 1 
ATOM 33  C CA . ASP A 1 51 ? 10.317  -10.571 6.322   1.00 28.06  ? 44 ASP A CA 1 
ATOM 34  C CA . GLU A 1 52 ? 8.236   -11.203 3.199   1.00 54.40  ? 45 GLU A CA 1 
ATOM 35  C CA . ASP A 1 53 ? 11.518  -12.780 2.132   1.00 57.92  ? 46 ASP A CA 1 
ATOM 36  C CA . GLY A 1 54 ? 9.844   -15.768 3.842   1.00 43.50  ? 47 GLY A CA 1 
ATOM 37  C CA . ALA A 1 55 ? 13.265  -16.649 5.267   1.00 49.47  ? 48 ALA A CA 1 
ATOM 38  C CA . LYS A 1 56 ? 14.065  -14.355 8.115   1.00 53.02  ? 49 LYS A CA 1 
ATOM 39  C CA . ARG A 1 57 ? 11.567  -13.379 10.756  1.00 20.02  ? 50 ARG A CA 1 
ATOM 40  C CA . ILE A 1 58 ? 11.963  -9.697  11.658  1.00 12.43  ? 51 ILE A CA 1 
ATOM 41  C CA . PRO A 1 59 ? 12.252  -9.000  15.313  1.00 47.91  ? 52 PRO A CA 1 
ATOM 42  C CA . VAL A 1 60 ? 9.915   -8.039  18.142  1.00 20.67  ? 53 VAL A CA 1 
ATOM 43  C CA . ASP A 1 61 ? 10.972  -5.124  20.285  1.00 2.00   ? 54 ASP A CA 1 
ATOM 44  C CA . VAL A 1 62 ? 9.178   -6.044  23.481  1.00 8.89   ? 55 VAL A CA 1 
ATOM 45  C CA . SER A 1 63 ? 10.651  -8.312  26.084  1.00 34.71  ? 56 SER A CA 1 
ATOM 46  C CA . GLU A 1 64 ? 8.020   -10.650 27.556  1.00 23.12  ? 57 GLU A CA 1 
ATOM 47  C CA . GLY A 1 65 ? 7.436   -9.172  31.028  1.00 33.23  ? 58 GLY A CA 1 
ATOM 48  C CA . ASP A 1 66 ? 7.970   -5.513  30.128  1.00 22.04  ? 59 ASP A CA 1 
ATOM 49  C CA . ILE A 1 67 ? 5.364   -3.225  31.603  1.00 2.00   ? 60 ILE A CA 1 
ATOM 50  C CA . VAL A 1 68 ? 4.068   -1.277  28.633  1.00 21.52  ? 61 VAL A CA 1 
ATOM 51  C CA . ILE A 1 69 ? 1.973   1.556   27.240  1.00 19.32  ? 62 ILE A CA 1 
ATOM 52  C CA . TYR A 1 70 ? -0.180  0.662   24.227  1.00 20.81  ? 63 TYR A CA 1 
ATOM 53  C CA . SER A 1 71 ? -3.313  2.071   22.572  1.00 44.12  ? 64 SER A CA 1 
ATOM 54  C CA . LYS A 1 72 ? -6.298  -0.288  23.134  1.00 39.82  ? 65 LYS A CA 1 
ATOM 55  C CA . TYR A 1 73 ? -7.582  -0.862  19.622  1.00 32.17  ? 66 TYR A CA 1 
ATOM 56  C CA . GLY A 1 74 ? -7.670  -4.189  17.731  1.00 53.84  ? 67 GLY A CA 1 
ATOM 57  C CA . GLY A 1 75 ? -7.258  -5.777  21.140  1.00 19.31  ? 68 GLY A CA 1 
ATOM 58  C CA . THR A 1 76 ? -9.944  -8.461  20.742  1.00 17.00  ? 69 THR A CA 1 
ATOM 59  C CA . GLU A 1 77 ? -9.697  -8.792  24.525  1.00 10.22  ? 70 GLU A CA 1 
ATOM 60  C CA . ILE A 1 78 ? -9.220  -12.119 26.095  1.00 8.73   ? 71 ILE A CA 1 
ATOM 61  C CA . LYS A 1 79 ? -10.111 -12.971 29.761  1.00 28.83  ? 72 LYS A CA 1 
ATOM 62  C CA . TYR A 1 80 ? -8.601  -16.022 31.524  1.00 19.78  ? 73 TYR A CA 1 
ATOM 63  C CA . ASN A 1 81 ? -9.407  -17.012 35.028  1.00 53.67  ? 74 ASN A CA 1 
ATOM 64  C CA . GLY A 1 82 ? -11.066 -13.601 35.426  1.00 68.39  ? 75 GLY A CA 1 
ATOM 65  C CA . GLU A 1 83 ? -8.200  -11.726 33.854  1.00 49.91  ? 76 GLU A CA 1 
ATOM 66  C CA . GLU A 1 84 ? -8.323  -8.994  31.165  1.00 76.64  ? 77 GLU A CA 1 
ATOM 67  C CA . TYR A 1 85 ? -5.631  -9.940  28.636  1.00 15.20  ? 78 TYR A CA 1 
ATOM 68  C CA . LEU A 1 86 ? -5.257  -8.031  25.398  1.00 48.56  ? 79 LEU A CA 1 
ATOM 69  C CA . ILE A 1 87 ? -4.057  -9.692  22.174  1.00 2.00   ? 80 ILE A CA 1 
ATOM 70  C CA . LEU A 1 88 ? -2.473  -6.376  21.152  1.00 2.00   ? 81 LEU A CA 1 
ATOM 71  C CA . SER A 1 89 ? -0.167  -6.181  18.119  1.00 2.00   ? 82 SER A CA 1 
ATOM 72  C CA . ALA A 1 90 ? 3.383   -5.404  19.419  1.00 18.37  ? 83 ALA A CA 1 
ATOM 73  C CA . ARG A 1 91 ? 3.512   -2.819  16.768  1.00 23.62  ? 84 ARG A CA 1 
ATOM 74  C CA . ASP A 1 92 ? 0.801   -0.869  18.690  1.00 18.76  ? 85 ASP A CA 1 
ATOM 75  C CA . VAL A 1 93 ? 2.619   -1.082  22.024  1.00 2.00   ? 86 VAL A CA 1 
ATOM 76  C CA . LEU A 1 94 ? 3.354   2.645   22.210  1.00 46.00  ? 87 LEU A CA 1 
ATOM 77  C CA . ALA A 1 95 ? 6.351   2.517   24.578  1.00 19.44  ? 88 ALA A CA 1 
ATOM 78  C CA . VAL A 1 96 ? 7.873   0.656   27.501  1.00 12.64  ? 89 VAL A CA 1 
ATOM 79  C CA . VAL A 1 97 ? 8.401   1.827   31.110  1.00 26.93  ? 90 VAL A CA 1 
ATOM 80  C CA . SER A 1 98 ? 11.308  0.910   33.338  1.00 44.37  ? 91 SER A CA 1 
ATOM 81  C CA . LYS A 1 99 ? 10.245  -0.814  36.466  1.00 24.13  ? 92 LYS A CA 1 
ATOM 82  C CA . ALA B 1 1  ? 8.018   9.586   39.638  1.00 55.34  ? 1  ALA B CA 1 
ATOM 83  C CA . LYS B 1 2  ? 10.709  6.969   39.960  1.00 38.25  ? 2  LYS B CA 1 
ATOM 84  C CA . VAL B 1 3  ? 9.445   5.349   36.704  1.00 51.53  ? 3  VAL B CA 1 
ATOM 85  C CA . LYS B 1 4  ? 11.077  6.272   33.373  1.00 24.37  ? 4  LYS B CA 1 
ATOM 86  C CA . ILE B 1 5  ? 9.449   5.604   30.012  1.00 36.17  ? 5  ILE B CA 1 
ATOM 87  C CA . LYS B 1 6  ? 11.411  4.739   26.866  1.00 2.00   ? 6  LYS B CA 1 
ATOM 88  C CA . PRO B 1 7  ? 9.728   4.769   23.366  1.00 23.31  ? 7  PRO B CA 1 
ATOM 89  C CA . LEU B 1 8  ? 9.438   1.897   20.994  1.00 11.69  ? 8  LEU B CA 1 
ATOM 90  C CA . GLU B 1 9  ? 10.222  1.936   17.255  1.00 35.13  ? 9  GLU B CA 1 
ATOM 91  C CA . ASP B 1 10 ? 10.813  5.426   15.897  1.00 10.31  ? 10 ASP B CA 1 
ATOM 92  C CA . LYS B 1 11 ? 8.288   6.852   18.431  1.00 43.41  ? 11 LYS B CA 1 
ATOM 93  C CA . ILE B 1 12 ? 9.437   9.805   20.514  1.00 15.77  ? 12 ILE B CA 1 
ATOM 94  C CA . LEU B 1 13 ? 8.187   11.462  23.726  1.00 32.15  ? 13 LEU B CA 1 
ATOM 95  C CA . VAL B 1 14 ? 7.859   15.206  23.910  1.00 30.30  ? 14 VAL B CA 1 
ATOM 96  C CA . GLN B 1 15 ? 7.359   17.647  26.764  1.00 15.30  ? 15 GLN B CA 1 
ATOM 97  C CA . ALA B 1 16 ? 4.538   19.625  25.351  1.00 25.63  ? 16 ALA B CA 1 
ATOM 98  C CA . GLU B 1 35 ? -4.985  19.520  16.046  1.00 44.23  ? 28 GLU B CA 1 
ATOM 99  C CA . LYS B 1 36 ? -2.654  22.390  15.339  1.00 87.58  ? 29 LYS B CA 1 
ATOM 100 C CA . PRO B 1 37 ? 1.198   22.082  15.724  1.00 24.30  ? 30 PRO B CA 1 
ATOM 101 C CA . GLN B 1 38 ? 2.815   22.567  19.106  1.00 28.53  ? 31 GLN B CA 1 
ATOM 102 C CA . GLU B 1 39 ? 6.560   22.950  20.042  1.00 45.88  ? 32 GLU B CA 1 
ATOM 103 C CA . GLY B 1 40 ? 8.143   20.651  22.632  1.00 36.09  ? 33 GLY B CA 1 
ATOM 104 C CA . THR B 1 41 ? 11.402  19.409  24.160  1.00 22.27  ? 34 THR B CA 1 
ATOM 105 C CA . VAL B 1 42 ? 12.011  15.848  23.212  1.00 17.09  ? 35 VAL B CA 1 
ATOM 106 C CA . VAL B 1 43 ? 13.074  13.110  25.678  1.00 2.00   ? 36 VAL B CA 1 
ATOM 107 C CA . ALA B 1 44 ? 12.971  9.992   23.506  1.00 17.64  ? 37 ALA B CA 1 
ATOM 108 C CA . VAL B 1 45 ? 15.621  7.459   22.534  1.00 27.55  ? 38 VAL B CA 1 
ATOM 109 C CA . GLY B 1 46 ? 13.360  5.713   20.098  1.00 18.47  ? 39 GLY B CA 1 
ATOM 110 C CA . PRO B 1 47 ? 15.695  2.937   18.901  1.00 32.11  ? 40 PRO B CA 1 
ATOM 111 C CA . GLY B 1 48 ? 14.685  3.482   15.264  1.00 2.00   ? 41 GLY B CA 1 
ATOM 112 C CA . ARG B 1 49 ? 12.415  1.107   13.381  1.00 13.33  ? 42 ARG B CA 1 
ATOM 113 C CA . TRP B 1 50 ? 13.997  -2.088  12.042  1.00 51.78  ? 43 TRP B CA 1 
ATOM 114 C CA . ASP B 1 51 ? 14.573  -1.905  8.297   1.00 55.80  ? 44 ASP B CA 1 
ATOM 115 C CA . GLU B 1 52 ? 12.133  -4.408  6.752   1.00 106.86 ? 45 GLU B CA 1 
ATOM 116 C CA . ASP B 1 53 ? 15.308  -6.462  6.208   1.00 56.67  ? 46 ASP B CA 1 
ATOM 117 C CA . GLY B 1 54 ? 15.489  -7.253  9.905   1.00 22.15  ? 47 GLY B CA 1 
ATOM 118 C CA . ALA B 1 55 ? 19.298  -6.730  9.852   1.00 42.57  ? 48 ALA B CA 1 
ATOM 119 C CA . LYS B 1 56 ? 19.702  -3.072  10.540  1.00 48.70  ? 49 LYS B CA 1 
ATOM 120 C CA . ARG B 1 57 ? 17.570  -0.508  12.332  1.00 38.34  ? 50 ARG B CA 1 
ATOM 121 C CA . ILE B 1 58 ? 17.249  2.955   10.652  1.00 18.43  ? 51 ILE B CA 1 
ATOM 122 C CA . PRO B 1 59 ? 18.216  6.068   12.609  1.00 40.09  ? 52 PRO B CA 1 
ATOM 123 C CA . VAL B 1 60 ? 16.255  8.831   14.279  1.00 69.35  ? 53 VAL B CA 1 
ATOM 124 C CA . ASP B 1 61 ? 16.963  12.413  13.102  1.00 32.86  ? 54 ASP B CA 1 
ATOM 125 C CA . VAL B 1 62 ? 14.999  13.790  16.026  1.00 30.38  ? 55 VAL B CA 1 
ATOM 126 C CA . SER B 1 63 ? 17.584  13.935  18.786  1.00 19.85  ? 56 SER B CA 1 
ATOM 127 C CA . GLU B 1 64 ? 16.838  13.743  22.542  1.00 41.28  ? 57 GLU B CA 1 
ATOM 128 C CA . GLY B 1 65 ? 16.627  17.298  23.836  1.00 52.46  ? 58 GLY B CA 1 
ATOM 129 C CA . ASP B 1 66 ? 16.159  19.484  20.764  1.00 43.25  ? 59 ASP B CA 1 
ATOM 130 C CA . ILE B 1 67 ? 13.064  21.661  20.639  1.00 43.13  ? 60 ILE B CA 1 
ATOM 131 C CA . VAL B 1 68 ? 10.680  20.403  17.911  1.00 20.36  ? 61 VAL B CA 1 
ATOM 132 C CA . ILE B 1 69 ? 7.474   21.380  15.948  1.00 18.45  ? 62 ILE B CA 1 
ATOM 133 C CA . TYR B 1 70 ? 4.851   18.569  15.874  1.00 36.08  ? 63 TYR B CA 1 
ATOM 134 C CA . SER B 1 71 ? 1.465   17.450  14.506  1.00 69.92  ? 64 SER B CA 1 
ATOM 135 C CA . LYS B 1 72 ? -0.526  16.336  17.547  1.00 62.34  ? 65 LYS B CA 1 
ATOM 136 C CA . TYR B 1 73 ? -2.285  13.348  16.085  1.00 29.68  ? 66 TYR B CA 1 
ATOM 137 C CA . GLY B 1 74 ? -1.731  9.708   17.052  1.00 55.96  ? 67 GLY B CA 1 
ATOM 138 C CA . GLY B 1 75 ? -0.511  11.575  20.119  1.00 53.73  ? 68 GLY B CA 1 
ATOM 139 C CA . THR B 1 76 ? -1.594  9.265   22.890  1.00 64.60  ? 69 THR B CA 1 
ATOM 140 C CA . GLU B 1 77 ? -0.230  11.842  25.438  1.00 15.46  ? 70 GLU B CA 1 
ATOM 141 C CA . ILE B 1 78 ? 0.925   10.748  28.845  1.00 19.80  ? 71 ILE B CA 1 
ATOM 142 C CA . LYS B 1 79 ? 1.397   12.719  32.006  1.00 23.34  ? 72 LYS B CA 1 
ATOM 143 C CA . TYR B 1 80 ? 4.295   12.492  34.428  1.00 34.63  ? 73 TYR B CA 1 
ATOM 144 C CA . ASN B 1 81 ? 3.640   14.331  37.697  1.00 72.52  ? 74 ASN B CA 1 
ATOM 145 C CA . GLY B 1 82 ? 1.076   16.487  35.954  1.00 45.05  ? 75 GLY B CA 1 
ATOM 146 C CA . GLU B 1 83 ? 3.549   17.052  33.074  1.00 33.48  ? 76 GLU B CA 1 
ATOM 147 C CA . GLU B 1 84 ? 2.220   16.921  29.522  1.00 61.98  ? 77 GLU B CA 1 
ATOM 148 C CA . TYR B 1 85 ? 4.381   14.504  27.479  1.00 34.06  ? 78 TYR B CA 1 
ATOM 149 C CA . LEU B 1 86 ? 3.404   13.082  24.160  1.00 12.15  ? 79 LEU B CA 1 
ATOM 150 C CA . ILE B 1 87 ? 4.233   9.728   22.578  1.00 22.73  ? 80 ILE B CA 1 
ATOM 151 C CA . LEU B 1 88 ? 4.638   11.004  19.023  1.00 16.88  ? 81 LEU B CA 1 
ATOM 152 C CA . SER B 1 89 ? 5.974   8.993   16.065  1.00 31.00  ? 82 SER B CA 1 
ATOM 153 C CA . ALA B 1 90 ? 9.318   10.691  15.232  1.00 39.93  ? 83 ALA B CA 1 
ATOM 154 C CA . ARG B 1 91 ? 8.507   10.567  11.658  1.00 26.54  ? 84 ARG B CA 1 
ATOM 155 C CA . ASP B 1 92 ? 5.899   13.264  12.601  1.00 71.38  ? 85 ASP B CA 1 
ATOM 156 C CA . VAL B 1 93 ? 8.104   16.002  14.087  1.00 17.15  ? 86 VAL B CA 1 
ATOM 157 C CA . LEU B 1 94 ? 7.721   18.754  11.516  1.00 20.44  ? 87 LEU B CA 1 
ATOM 158 C CA . ALA B 1 95 ? 11.134  20.321  12.315  1.00 13.24  ? 88 ALA B CA 1 
ATOM 159 C CA . VAL B 1 96 ? 13.690  21.494  14.868  1.00 12.13  ? 89 VAL B CA 1 
ATOM 160 C CA . VAL B 1 97 ? 14.584  24.986  15.948  1.00 58.78  ? 90 VAL B CA 1 
ATOM 161 C CA . SER B 1 98 ? 17.864  26.469  17.247  1.00 44.23  ? 91 SER B CA 1 
ATOM 162 C CA . LYS B 1 99 ? 17.408  27.030  20.999  1.00 83.91  ? 92 LYS B CA 1 
ATOM 163 C CA . ALA C 1 1  ? 15.330  37.316  15.314  1.00 78.15  ? 1  ALA C CA 1 
ATOM 164 C CA . LYS C 1 2  ? 18.048  34.942  16.651  1.00 58.09  ? 2  LYS C CA 1 
ATOM 165 C CA . VAL C 1 3  ? 16.032  31.602  16.530  1.00 62.92  ? 3  VAL C CA 1 
ATOM 166 C CA . LYS C 1 4  ? 16.371  29.465  13.379  1.00 34.33  ? 4  LYS C CA 1 
ATOM 167 C CA . ILE C 1 5  ? 13.968  26.661  12.096  1.00 87.91  ? 5  ILE C CA 1 
ATOM 168 C CA . LYS C 1 6  ? 15.528  23.729  10.043  1.00 27.39  ? 6  LYS C CA 1 
ATOM 169 C CA . PRO C 1 7  ? 13.093  21.047  8.670   1.00 30.89  ? 7  PRO C CA 1 
ATOM 170 C CA . LEU C 1 8  ? 13.216  17.366  9.434   1.00 2.00   ? 8  LEU C CA 1 
ATOM 171 C CA . GLU C 1 9  ? 13.302  14.521  6.861   1.00 30.19  ? 9  GLU C CA 1 
ATOM 172 C CA . ASP C 1 10 ? 12.286  15.676  3.333   1.00 27.79  ? 10 ASP C CA 1 
ATOM 173 C CA . LYS C 1 11 ? 10.040  18.518  4.531   1.00 31.99  ? 11 LYS C CA 1 
ATOM 174 C CA . ILE C 1 12 ? 10.873  22.035  3.458   1.00 2.00   ? 12 ILE C CA 1 
ATOM 175 C CA . LEU C 1 13 ? 10.091  25.575  4.464   1.00 2.00   ? 13 LEU C CA 1 
ATOM 176 C CA . VAL C 1 14 ? 8.383   28.068  2.171   1.00 47.32  ? 14 VAL C CA 1 
ATOM 177 C CA . GLN C 1 15 ? 7.839   31.781  2.846   1.00 24.29  ? 15 GLN C CA 1 
ATOM 178 C CA . ALA C 1 16 ? 4.341   32.472  1.488   1.00 61.07  ? 16 ALA C CA 1 
ATOM 179 C CA . GLU C 1 35 ? -7.309  24.691  -0.565  1.00 48.63  ? 28 GLU C CA 1 
ATOM 180 C CA . LYS C 1 36 ? -5.461  25.991  -3.658  1.00 58.75  ? 29 LYS C CA 1 
ATOM 181 C CA . PRO C 1 37 ? -1.845  26.631  -4.793  1.00 35.54  ? 30 PRO C CA 1 
ATOM 182 C CA . GLN C 1 38 ? 0.389   29.364  -3.428  1.00 28.72  ? 31 GLN C CA 1 
ATOM 183 C CA . GLU C 1 39 ? 3.836   30.285  -4.687  1.00 48.16  ? 32 GLU C CA 1 
ATOM 184 C CA . GLY C 1 40 ? 6.567   30.715  -2.108  1.00 25.32  ? 33 GLY C CA 1 
ATOM 185 C CA . THR C 1 41 ? 10.319  31.037  -2.228  1.00 36.21  ? 34 THR C CA 1 
ATOM 186 C CA . VAL C 1 42 ? 12.061  28.403  -0.177  1.00 12.56  ? 35 VAL C CA 1 
ATOM 187 C CA . VAL C 1 43 ? 14.207  28.458  2.985   1.00 10.23  ? 36 VAL C CA 1 
ATOM 188 C CA . ALA C 1 44 ? 14.506  24.791  4.068   1.00 26.35  ? 37 ALA C CA 1 
ATOM 189 C CA . VAL C 1 45 ? 17.434  22.483  4.639   1.00 84.05  ? 38 VAL C CA 1 
ATOM 190 C CA . GLY C 1 46 ? 15.908  19.073  4.135   1.00 2.00   ? 39 GLY C CA 1 
ATOM 191 C CA . PRO C 1 47 ? 18.263  16.260  5.125   1.00 2.00   ? 40 PRO C CA 1 
ATOM 192 C CA . GLY C 1 48 ? 16.064  14.011  3.030   1.00 35.48  ? 41 GLY C CA 1 
ATOM 193 C CA . ARG C 1 49 ? 14.188  10.841  3.922   1.00 33.15  ? 42 ARG C CA 1 
ATOM 194 C CA . TRP C 1 50 ? 16.460  7.971   4.709   1.00 26.18  ? 43 TRP C CA 1 
ATOM 195 C CA . ASP C 1 51 ? 15.923  5.372   2.028   1.00 51.26  ? 44 ASP C CA 1 
ATOM 196 C CA . GLU C 1 52 ? 14.391  2.560   4.239   1.00 62.29  ? 45 GLU C CA 1 
ATOM 197 C CA . ASP C 1 53 ? 17.629  0.621   3.553   1.00 73.94  ? 46 ASP C CA 1 
ATOM 198 C CA . GLY C 1 54 ? 19.337  2.152   6.610   1.00 24.20  ? 47 GLY C CA 1 
ATOM 199 C CA . ALA C 1 55 ? 22.141  3.482   4.467   1.00 36.09  ? 48 ALA C CA 1 
ATOM 200 C CA . LYS C 1 56 ? 21.833  6.226   1.810   1.00 52.95  ? 49 LYS C CA 1 
ATOM 201 C CA . ARG C 1 57 ? 19.638  9.282   1.625   1.00 93.93  ? 50 ARG C CA 1 
ATOM 202 C CA . ILE C 1 58 ? 17.174  9.890   -1.184  1.00 25.31  ? 51 ILE C CA 1 
ATOM 203 C CA . PRO C 1 59 ? 17.814  13.478  -2.236  1.00 55.33  ? 52 PRO C CA 1 
ATOM 204 C CA . VAL C 1 60 ? 15.581  16.551  -2.196  1.00 35.69  ? 53 VAL C CA 1 
ATOM 205 C CA . ASP C 1 61 ? 14.868  17.877  -5.670  1.00 19.61  ? 54 ASP C CA 1 
ATOM 206 C CA . VAL C 1 62 ? 14.260  21.468  -4.676  1.00 54.38  ? 55 VAL C CA 1 
ATOM 207 C CA . SER C 1 63 ? 17.312  23.559  -3.699  1.00 139.10 ? 56 SER C CA 1 
ATOM 208 C CA . GLU C 1 64 ? 17.230  26.127  -0.867  1.00 14.45  ? 57 GLU C CA 1 
ATOM 209 C CA . GLY C 1 65 ? 15.927  29.513  -2.066  1.00 33.25  ? 58 GLY C CA 1 
ATOM 210 C CA . ASP C 1 66 ? 13.989  28.318  -5.154  1.00 51.88  ? 59 ASP C CA 1 
ATOM 211 C CA . ILE C 1 67 ? 10.744  30.122  -6.062  1.00 40.97  ? 60 ILE C CA 1 
ATOM 212 C CA . VAL C 1 68 ? 8.169   27.234  -5.642  1.00 2.00   ? 61 VAL C CA 1 
ATOM 213 C CA . ILE C 1 69 ? 4.588   26.575  -6.890  1.00 26.55  ? 62 ILE C CA 1 
ATOM 214 C CA . TYR C 1 70 ? 2.691   24.504  -4.318  1.00 2.00   ? 63 TYR C CA 1 
ATOM 215 C CA . SER C 1 71 ? -0.481  23.005  -3.021  1.00 43.84  ? 64 SER C CA 1 
ATOM 216 C CA . LYS C 1 72 ? -1.243  24.248  0.480   1.00 81.18  ? 65 LYS C CA 1 
ATOM 217 C CA . TYR C 1 73 ? -2.234  21.093  2.430   1.00 26.21  ? 66 TYR C CA 1 
ATOM 218 C CA . GLY C 1 74 ? -0.683  19.457  5.482   1.00 28.39  ? 67 GLY C CA 1 
ATOM 219 C CA . GLY C 1 75 ? 0.611   23.017  5.616   1.00 29.91  ? 68 GLY C CA 1 
ATOM 220 C CA . THR C 1 76 ? 0.948   23.440  9.437   1.00 25.29  ? 69 THR C CA 1 
ATOM 221 C CA . GLU C 1 77 ? 2.236   26.910  8.682   1.00 2.00   ? 70 GLU C CA 1 
ATOM 222 C CA . ILE C 1 78 ? 4.179   28.730  11.243  1.00 31.92  ? 71 ILE C CA 1 
ATOM 223 C CA . LYS C 1 79 ? 4.771   32.428  11.558  1.00 68.86  ? 72 LYS C CA 1 
ATOM 224 C CA . TYR C 1 80 ? 8.187   33.803  12.387  1.00 76.56  ? 73 TYR C CA 1 
ATOM 225 C CA . ASN C 1 81 ? 8.460   37.538  13.096  1.00 68.12  ? 74 ASN C CA 1 
ATOM 226 C CA . GLY C 1 82 ? 5.493   38.606  10.981  1.00 60.14  ? 75 GLY C CA 1 
ATOM 227 C CA . GLU C 1 83 ? 6.302   36.023  8.391   1.00 50.31  ? 76 GLU C CA 1 
ATOM 228 C CA . GLU C 1 84 ? 3.939   33.443  6.882   1.00 76.75  ? 77 GLU C CA 1 
ATOM 229 C CA . TYR C 1 85 ? 6.075   30.312  6.555   1.00 56.49  ? 78 TYR C CA 1 
ATOM 230 C CA . LEU C 1 86 ? 4.830   26.810  5.618   1.00 25.83  ? 79 LEU C CA 1 
ATOM 231 C CA . ILE C 1 87 ? 6.477   23.607  6.842   1.00 13.36  ? 80 ILE C CA 1 
ATOM 232 C CA . LEU C 1 88 ? 5.308   21.923  3.660   1.00 10.52  ? 81 LEU C CA 1 
ATOM 233 C CA . SER C 1 89 ? 6.793   18.638  2.393   1.00 18.33  ? 82 SER C CA 1 
ATOM 234 C CA . ALA C 1 90 ? 9.114   19.010  -0.504  1.00 24.91  ? 83 ALA C CA 1 
ATOM 235 C CA . ARG C 1 91 ? 7.603   16.166  -2.392  1.00 36.79  ? 84 ARG C CA 1 
ATOM 236 C CA . ASP C 1 92 ? 4.296   18.084  -2.365  1.00 56.13  ? 85 ASP C CA 1 
ATOM 237 C CA . VAL C 1 93 ? 5.724   20.978  -4.408  1.00 17.17  ? 86 VAL C CA 1 
ATOM 238 C CA . LEU C 1 94 ? 4.004   20.797  -7.765  1.00 17.94  ? 87 LEU C CA 1 
ATOM 239 C CA . ALA C 1 95 ? 6.990   22.441  -9.310  1.00 53.95  ? 88 ALA C CA 1 
ATOM 240 C CA . VAL C 1 96 ? 9.192   25.561  -9.404  1.00 28.72  ? 89 VAL C CA 1 
ATOM 241 C CA . VAL C 1 97 ? 9.833   28.505  -11.714 1.00 22.47  ? 90 VAL C CA 1 
ATOM 242 C CA . SER C 1 98 ? 13.008  30.154  -12.846 1.00 46.79  ? 91 SER C CA 1 
ATOM 243 C CA . LYS C 1 99 ? 12.902  33.709  -11.590 1.00 53.33  ? 92 LYS C CA 1 
ATOM 244 C CA . ALA D 1 1  ? -8.733  9.728   -40.108 1.00 50.44  ? 1  ALA D CA 1 
ATOM 245 C CA . LYS D 1 2  ? -5.035  10.548  -40.057 1.00 27.54  ? 2  LYS D CA 1 
ATOM 246 C CA . VAL D 1 3  ? -4.524  10.175  -36.301 1.00 25.31  ? 3  VAL D CA 1 
ATOM 247 C CA . LYS D 1 4  ? -3.296  7.059   -34.429 1.00 32.30  ? 4  LYS D CA 1 
ATOM 248 C CA . ILE D 1 5  ? -3.334  6.587   -30.662 1.00 26.48  ? 5  ILE D CA 1 
ATOM 249 C CA . LYS D 1 6  ? -0.636  4.923   -28.583 1.00 22.73  ? 6  LYS D CA 1 
ATOM 250 C CA . PRO D 1 7  ? -1.357  4.225   -24.822 1.00 11.28  ? 7  PRO D CA 1 
ATOM 251 C CA . LEU D 1 8  ? 1.266   4.492   -22.171 1.00 2.00   ? 8  LEU D CA 1 
ATOM 252 C CA . GLU D 1 9  ? 2.910   2.353   -19.579 1.00 6.71   ? 9  GLU D CA 1 
ATOM 253 C CA . ASP D 1 10 ? 0.927   -0.928  -19.770 1.00 33.55  ? 10 ASP D CA 1 
ATOM 254 C CA . LYS D 1 11 ? -2.480  0.288   -20.905 1.00 33.53  ? 11 LYS D CA 1 
ATOM 255 C CA . ILE D 1 12 ? -4.314  -1.156  -23.974 1.00 2.00   ? 12 ILE D CA 1 
ATOM 256 C CA . LEU D 1 13 ? -6.866  0.315   -26.369 1.00 13.22  ? 13 LEU D CA 1 
ATOM 257 C CA . VAL D 1 14 ? -9.902  -1.837  -27.192 1.00 32.36  ? 14 VAL D CA 1 
ATOM 258 C CA . GLN D 1 15 ? -12.464 -1.340  -29.895 1.00 18.00  ? 15 GLN D CA 1 
ATOM 259 C CA . ALA D 1 16 ? -15.826 -1.878  -28.216 1.00 38.96  ? 16 ALA D CA 1 
ATOM 260 C CA . GLU D 1 35 ? -20.573 -1.706  -15.264 1.00 67.97  ? 28 GLU D CA 1 
ATOM 261 C CA . LYS D 1 36 ? -20.491 -5.265  -16.644 1.00 100.40 ? 29 LYS D CA 1 
ATOM 262 C CA . PRO D 1 37 ? -17.676 -6.997  -18.784 1.00 23.34  ? 30 PRO D CA 1 
ATOM 263 C CA . GLN D 1 38 ? -17.804 -6.303  -22.563 1.00 16.41  ? 31 GLN D CA 1 
ATOM 264 C CA . GLU D 1 39 ? -15.727 -8.220  -25.103 1.00 7.19   ? 32 GLU D CA 1 
ATOM 265 C CA . GLY D 1 40 ? -13.673 -6.232  -27.601 1.00 2.00   ? 33 GLY D CA 1 
ATOM 266 C CA . THR D 1 41 ? -10.816 -6.340  -30.113 1.00 48.75  ? 34 THR D CA 1 
ATOM 267 C CA . VAL D 1 42 ? -7.362  -4.870  -29.137 1.00 9.28   ? 35 VAL D CA 1 
ATOM 268 C CA . VAL D 1 43 ? -5.277  -2.220  -30.793 1.00 6.98   ? 36 VAL D CA 1 
ATOM 269 C CA . ALA D 1 44 ? -2.627  -1.349  -28.185 1.00 19.73  ? 37 ALA D CA 1 
ATOM 270 C CA . VAL D 1 45 ? 1.061   -1.670  -28.147 1.00 98.02  ? 38 VAL D CA 1 
ATOM 271 C CA . GLY D 1 46 ? 1.231   -1.254  -24.422 1.00 41.25  ? 39 GLY D CA 1 
ATOM 272 C CA . PRO D 1 47 ? 5.065   -0.999  -23.797 1.00 26.53  ? 40 PRO D CA 1 
ATOM 273 C CA . GLY D 1 48 ? 4.516   -2.471  -20.375 1.00 35.01  ? 41 GLY D CA 1 
ATOM 274 C CA . ARG D 1 49 ? 5.434   -0.620  -17.261 1.00 16.64  ? 42 ARG D CA 1 
ATOM 275 C CA . TRP D 1 50 ? 9.036   -0.202  -16.260 1.00 30.63  ? 43 TRP D CA 1 
ATOM 276 C CA . ASP D 1 51 ? 10.208  -2.974  -14.002 1.00 47.17  ? 44 ASP D CA 1 
ATOM 277 C CA . GLU D 1 52 ? 10.626  -0.916  -10.822 1.00 234.23 ? 45 GLU D CA 1 
ATOM 278 C CA . ASP D 1 53 ? 14.498  -1.252  -11.024 1.00 30.39  ? 46 ASP D CA 1 
ATOM 279 C CA . GLY D 1 54 ? 14.432  1.427   -13.726 1.00 30.48  ? 47 GLY D CA 1 
ATOM 280 C CA . ALA D 1 55 ? 16.085  -1.116  -15.981 1.00 32.05  ? 48 ALA D CA 1 
ATOM 281 C CA . LYS D 1 56 ? 14.015  -3.623  -17.887 1.00 89.99  ? 49 LYS D CA 1 
ATOM 282 C CA . ARG D 1 57 ? 10.406  -3.322  -18.907 1.00 86.42  ? 50 ARG D CA 1 
ATOM 283 C CA . ILE D 1 58 ? 7.718   -5.862  -17.830 1.00 35.43  ? 51 ILE D CA 1 
ATOM 284 C CA . PRO D 1 59 ? 5.725   -7.310  -20.781 1.00 26.58  ? 52 PRO D CA 1 
ATOM 285 C CA . VAL D 1 60 ? 2.079   -7.036  -21.755 1.00 39.98  ? 53 VAL D CA 1 
ATOM 286 C CA . ASP D 1 61 ? 0.308   -10.346 -22.032 1.00 58.77  ? 54 ASP D CA 1 
ATOM 287 C CA . VAL D 1 62 ? -2.245  -9.147  -24.534 1.00 10.45  ? 55 VAL D CA 1 
ATOM 288 C CA . SER D 1 63 ? -0.915  -8.791  -28.052 1.00 65.71  ? 56 SER D CA 1 
ATOM 289 C CA . GLU D 1 64 ? -2.360  -6.016  -30.347 1.00 16.69  ? 57 GLU D CA 1 
ATOM 290 C CA . GLY D 1 65 ? -5.147  -7.804  -32.253 1.00 49.45  ? 58 GLY D CA 1 
ATOM 291 C CA . ASP D 1 66 ? -6.529  -10.277 -29.665 1.00 32.14  ? 59 ASP D CA 1 
ATOM 292 C CA . ILE D 1 67 ? -10.275 -10.441 -29.055 1.00 13.68  ? 60 ILE D CA 1 
ATOM 293 C CA . VAL D 1 68 ? -10.545 -9.783  -25.337 1.00 2.00   ? 61 VAL D CA 1 
ATOM 294 C CA . ILE D 1 69 ? -13.216 -9.792  -22.619 1.00 2.00   ? 62 ILE D CA 1 
ATOM 295 C CA . TYR D 1 70 ? -12.705 -6.849  -20.288 1.00 38.48  ? 63 TYR D CA 1 
ATOM 296 C CA . SER D 1 71 ? -14.016 -4.880  -17.261 1.00 31.18  ? 64 SER D CA 1 
ATOM 297 C CA . LYS D 1 72 ? -14.565 -1.455  -18.820 1.00 39.64  ? 65 LYS D CA 1 
ATOM 298 C CA . TYR D 1 73 ? -13.774 0.257   -15.530 1.00 37.88  ? 66 TYR D CA 1 
ATOM 299 C CA . GLY D 1 74 ? -11.560 3.322   -15.361 1.00 42.26  ? 67 GLY D CA 1 
ATOM 300 C CA . GLY D 1 75 ? -12.596 3.293   -19.031 1.00 21.15  ? 68 GLY D CA 1 
ATOM 301 C CA . THR D 1 76 ? -11.859 6.809   -20.275 1.00 37.66  ? 69 THR D CA 1 
ATOM 302 C CA . GLU D 1 77 ? -13.384 5.761   -23.570 1.00 2.00   ? 70 GLU D CA 1 
ATOM 303 C CA . ILE D 1 78 ? -12.154 7.630   -26.545 1.00 14.57  ? 71 ILE D CA 1 
ATOM 304 C CA . LYS D 1 79 ? -13.898 7.590   -29.859 1.00 71.89  ? 72 LYS D CA 1 
ATOM 305 C CA . TYR D 1 80 ? -12.361 8.468   -33.191 1.00 37.25  ? 73 TYR D CA 1 
ATOM 306 C CA . ASN D 1 81 ? -14.145 8.662   -36.605 1.00 37.10  ? 74 ASN D CA 1 
ATOM 307 C CA . GLY D 1 82 ? -17.101 7.731   -34.427 1.00 38.56  ? 75 GLY D CA 1 
ATOM 308 C CA . GLU D 1 83 ? -15.755 4.513   -32.959 1.00 9.13   ? 76 GLU D CA 1 
ATOM 309 C CA . GLU D 1 84 ? -15.811 3.110   -29.475 1.00 22.00  ? 77 GLU D CA 1 
ATOM 310 C CA . TYR D 1 85 ? -12.245 2.513   -28.274 1.00 2.00   ? 78 TYR D CA 1 
ATOM 311 C CA . LEU D 1 86 ? -11.302 2.120   -24.682 1.00 36.33  ? 79 LEU D CA 1 
ATOM 312 C CA . ILE D 1 87 ? -7.967  3.072   -23.129 1.00 5.98   ? 80 ILE D CA 1 
ATOM 313 C CA . LEU D 1 88 ? -8.215  0.290   -20.547 1.00 18.50  ? 81 LEU D CA 1 
ATOM 314 C CA . SER D 1 89 ? -5.228  -1.066  -18.550 1.00 37.80  ? 82 SER D CA 1 
ATOM 315 C CA . ALA D 1 90 ? -3.856  -4.324  -19.752 1.00 45.33  ? 83 ALA D CA 1 
ATOM 316 C CA . ARG D 1 91 ? -4.017  -5.516  -16.230 1.00 26.90  ? 84 ARG D CA 1 
ATOM 317 C CA . ASP D 1 92 ? -7.845  -5.521  -16.118 1.00 35.54  ? 85 ASP D CA 1 
ATOM 318 C CA . VAL D 1 93 ? -8.204  -7.471  -19.362 1.00 17.62  ? 86 VAL D CA 1 
ATOM 319 C CA . LEU D 1 94 ? -9.953  -10.557 -17.974 1.00 35.14  ? 87 LEU D CA 1 
ATOM 320 C CA . ALA D 1 95 ? -9.139  -13.229 -20.481 1.00 40.63  ? 88 ALA D CA 1 
ATOM 321 C CA . VAL D 1 96 ? -8.824  -13.394 -24.232 1.00 13.93  ? 89 VAL D CA 1 
ATOM 322 C CA . VAL D 1 97 ? -10.530 -15.325 -27.009 1.00 25.97  ? 90 VAL D CA 1 
ATOM 323 C CA . SER D 1 98 ? -9.237  -17.613 -29.761 1.00 55.42  ? 91 SER D CA 1 
ATOM 324 C CA . LYS D 1 99 ? -10.913 -15.774 -32.627 1.00 84.39  ? 92 LYS D CA 1 
ATOM 325 C CA . ALA E 1 1  ? 6.518   37.172  -20.175 1.00 115.25 ? 1  ALA E CA 1 
ATOM 326 C CA . LYS E 1 2  ? 10.013  36.348  -18.897 1.00 75.84  ? 2  LYS E CA 1 
ATOM 327 C CA . VAL E 1 3  ? 8.991   33.479  -16.584 1.00 90.50  ? 3  VAL E CA 1 
ATOM 328 C CA . LYS E 1 4  ? 9.111   29.684  -17.001 1.00 35.96  ? 4  LYS E CA 1 
ATOM 329 C CA . ILE E 1 5  ? 7.553   27.008  -14.739 1.00 38.98  ? 5  ILE E CA 1 
ATOM 330 C CA . LYS E 1 6  ? 9.213   23.567  -14.800 1.00 27.50  ? 6  LYS E CA 1 
ATOM 331 C CA . PRO E 1 7  ? 7.840   20.547  -12.886 1.00 2.00   ? 7  PRO E CA 1 
ATOM 332 C CA . LEU E 1 8  ? 9.326   18.486  -10.150 1.00 2.00   ? 8  LEU E CA 1 
ATOM 333 C CA . GLU E 1 9  ? 9.392   14.680  -9.656  1.00 26.31  ? 9  GLU E CA 1 
ATOM 334 C CA . ASP E 1 10 ? 7.324   12.991  -12.448 1.00 4.94   ? 10 ASP E CA 1 
ATOM 335 C CA . LYS E 1 11 ? 4.660   15.646  -12.914 1.00 17.97  ? 11 LYS E CA 1 
ATOM 336 C CA . ILE E 1 12 ? 3.908   16.863  -16.427 1.00 13.06  ? 12 ILE E CA 1 
ATOM 337 C CA . LEU E 1 13 ? 2.417   20.216  -17.451 1.00 2.00   ? 13 LEU E CA 1 
ATOM 338 C CA . VAL E 1 14 ? 0.030   20.215  -20.363 1.00 27.13  ? 14 VAL E CA 1 
ATOM 339 C CA . GLN E 1 15 ? -1.686  22.874  -22.478 1.00 32.38  ? 15 GLN E CA 1 
ATOM 340 C CA . ALA E 1 16 ? -5.334  21.923  -22.216 1.00 72.14  ? 16 ALA E CA 1 
ATOM 341 C CA . GLU E 1 35 ? -14.312 14.745  -14.786 1.00 57.95  ? 28 GLU E CA 1 
ATOM 342 C CA . LYS E 1 36 ? -13.508 13.727  -18.380 1.00 75.12  ? 29 LYS E CA 1 
ATOM 343 C CA . PRO E 1 37 ? -10.253 13.258  -20.416 1.00 56.19  ? 30 PRO E CA 1 
ATOM 344 C CA . GLN E 1 38 ? -9.102  16.119  -22.616 1.00 78.28  ? 31 GLN E CA 1 
ATOM 345 C CA . GLU E 1 39 ? -6.171  16.279  -25.135 1.00 24.33  ? 32 GLU E CA 1 
ATOM 346 C CA . GLY E 1 40 ? -3.168  18.648  -24.890 1.00 35.32  ? 33 GLY E CA 1 
ATOM 347 C CA . THR E 1 41 ? 0.419   19.608  -25.739 1.00 2.00   ? 34 THR E CA 1 
ATOM 348 C CA . VAL E 1 42 ? 2.777   18.752  -22.895 1.00 9.04   ? 35 VAL E CA 1 
ATOM 349 C CA . VAL E 1 43 ? 5.753   21.093  -22.026 1.00 20.77  ? 36 VAL E CA 1 
ATOM 350 C CA . ALA E 1 44 ? 7.205   19.533  -18.862 1.00 54.22  ? 37 ALA E CA 1 
ATOM 351 C CA . VAL E 1 45 ? 10.577  18.122  -18.064 1.00 66.94  ? 38 VAL E CA 1 
ATOM 352 C CA . GLY E 1 46 ? 9.461   15.896  -15.225 1.00 22.67  ? 39 GLY E CA 1 
ATOM 353 C CA . PRO E 1 47 ? 12.873  14.652  -13.924 1.00 2.00   ? 40 PRO E CA 1 
ATOM 354 C CA . GLY E 1 48 ? 11.141  11.627  -12.656 1.00 14.02  ? 41 GLY E CA 1 
ATOM 355 C CA . ARG E 1 49 ? 10.332  10.703  -9.154  1.00 21.99  ? 42 ARG E CA 1 
ATOM 356 C CA . TRP E 1 50 ? 13.214  9.010   -7.320  1.00 31.40  ? 43 TRP E CA 1 
ATOM 357 C CA . ASP E 1 51 ? 13.349  5.295   -7.401  1.00 26.73  ? 44 ASP E CA 1 
ATOM 358 C CA . GLU E 1 52 ? 12.916  4.890   -3.610  1.00 40.15  ? 45 GLU E CA 1 
ATOM 359 C CA . ASP E 1 53 ? 16.350  3.209   -3.737  1.00 57.07  ? 46 ASP E CA 1 
ATOM 360 C CA . GLY E 1 54 ? 17.861  6.693   -3.566  1.00 32.77  ? 47 GLY E CA 1 
ATOM 361 C CA . ALA E 1 55 ? 20.280  6.014   -6.465  1.00 6.69   ? 48 ALA E CA 1 
ATOM 362 C CA . LYS E 1 56 ? 18.408  6.053   -9.679  1.00 42.81  ? 49 LYS E CA 1 
ATOM 363 C CA . ARG E 1 57 ? 15.416  8.083   -10.909 1.00 46.16  ? 50 ARG E CA 1 
ATOM 364 C CA . ILE E 1 58 ? 12.422  6.408   -12.703 1.00 35.04  ? 51 ILE E CA 1 
ATOM 365 C CA . PRO E 1 59 ? 11.311  7.397   -16.158 1.00 14.03  ? 52 PRO E CA 1 
ATOM 366 C CA . VAL E 1 60 ? 8.726   9.559   -17.672 1.00 19.44  ? 53 VAL E CA 1 
ATOM 367 C CA . ASP E 1 61 ? 7.255   7.869   -20.727 1.00 18.06  ? 54 ASP E CA 1 
ATOM 368 C CA . VAL E 1 62 ? 5.750   11.090  -22.019 1.00 2.00   ? 55 VAL E CA 1 
ATOM 369 C CA . SER E 1 63 ? 7.902   13.296  -24.223 1.00 40.89  ? 56 SER E CA 1 
ATOM 370 C CA . GLU E 1 64 ? 7.521   17.047  -23.674 1.00 5.90   ? 57 GLU E CA 1 
ATOM 371 C CA . GLY E 1 65 ? 5.977   17.698  -27.083 1.00 59.29  ? 58 GLY E CA 1 
ATOM 372 C CA . ASP E 1 66 ? 3.523   14.789  -26.983 1.00 46.68  ? 59 ASP E CA 1 
ATOM 373 C CA . ILE E 1 67 ? -0.095  15.720  -27.776 1.00 22.35  ? 60 ILE E CA 1 
ATOM 374 C CA . VAL E 1 68 ? -1.304  13.445  -24.957 1.00 2.00   ? 61 VAL E CA 1 
ATOM 375 C CA . ILE E 1 69 ? -4.558  12.124  -23.546 1.00 9.91   ? 62 ILE E CA 1 
ATOM 376 C CA . TYR E 1 70 ? -4.860  12.518  -19.764 1.00 42.02  ? 63 TYR E CA 1 
ATOM 377 C CA . SER E 1 71 ? -7.492  12.734  -16.994 1.00 32.04  ? 64 SER E CA 1 
ATOM 378 C CA . LYS E 1 72 ? -7.919  16.217  -15.536 1.00 40.77  ? 65 LYS E CA 1 
ATOM 379 C CA . TYR E 1 73 ? -8.092  15.314  -11.913 1.00 53.47  ? 66 TYR E CA 1 
ATOM 380 C CA . GLY E 1 74 ? -5.726  16.930  -9.415  1.00 41.93  ? 67 GLY E CA 1 
ATOM 381 C CA . GLY E 1 75 ? -4.865  19.212  -12.305 1.00 54.34  ? 68 GLY E CA 1 
ATOM 382 C CA . THR E 1 76 ? -3.674  22.083  -10.033 1.00 19.03  ? 69 THR E CA 1 
ATOM 383 C CA . GLU E 1 77 ? -3.951  24.214  -13.215 1.00 12.51  ? 70 GLU E CA 1 
ATOM 384 C CA . ILE E 1 78 ? -2.043  27.427  -13.571 1.00 45.85  ? 71 ILE E CA 1 
ATOM 385 C CA . LYS E 1 79 ? -2.480  30.046  -16.209 1.00 27.03  ? 72 LYS E CA 1 
ATOM 386 C CA . TYR E 1 80 ? 0.282   31.966  -17.751 1.00 35.52  ? 73 TYR E CA 1 
ATOM 387 C CA . ASN E 1 81 ? -0.243  34.811  -20.189 1.00 71.77  ? 74 ASN E CA 1 
ATOM 388 C CA . GLY E 1 82 ? -3.893  33.769  -20.290 1.00 57.70  ? 75 GLY E CA 1 
ATOM 389 C CA . GLU E 1 83 ? -3.117  30.125  -20.893 1.00 26.75  ? 76 GLU E CA 1 
ATOM 390 C CA . GLU E 1 84 ? -4.621  26.885  -19.554 1.00 59.35  ? 77 GLU E CA 1 
ATOM 391 C CA . TYR E 1 85 ? -1.766  24.968  -17.989 1.00 19.45  ? 78 TYR E CA 1 
ATOM 392 C CA . LEU E 1 86 ? -2.343  22.116  -15.603 1.00 30.14  ? 79 LEU E CA 1 
ATOM 393 C CA . ILE E 1 87 ? 0.189   20.381  -13.424 1.00 2.00   ? 80 ILE E CA 1 
ATOM 394 C CA . LEU E 1 88 ? -1.087  16.779  -14.007 1.00 39.28  ? 81 LEU E CA 1 
ATOM 395 C CA . SER E 1 89 ? 1.109   13.679  -13.465 1.00 37.87  ? 82 SER E CA 1 
ATOM 396 C CA . ALA E 1 90 ? 2.568   11.791  -16.374 1.00 26.03  ? 83 ALA E CA 1 
ATOM 397 C CA . ARG E 1 91 ? 1.217   9.031   -14.330 1.00 18.38  ? 84 ARG E CA 1 
ATOM 398 C CA . ASP E 1 92 ? -2.305  10.110  -15.136 1.00 33.46  ? 85 ASP E CA 1 
ATOM 399 C CA . VAL E 1 93 ? -1.422  10.449  -18.799 1.00 40.23  ? 86 VAL E CA 1 
ATOM 400 C CA . LEU E 1 94 ? -3.656  7.818   -20.309 1.00 59.63  ? 87 LEU E CA 1 
ATOM 401 C CA . ALA E 1 95 ? -2.233  7.542   -23.793 1.00 13.58  ? 88 ALA E CA 1 
ATOM 402 C CA . VAL E 1 96 ? -0.564  9.755   -26.396 1.00 2.00   ? 89 VAL E CA 1 
ATOM 403 C CA . VAL E 1 97 ? -1.445  10.296  -30.016 1.00 13.74  ? 90 VAL E CA 1 
ATOM 404 C CA . SER E 1 98 ? 0.619   10.828  -33.138 1.00 37.61  ? 91 SER E CA 1 
ATOM 405 C CA . LYS E 1 99 ? 0.379   14.410  -34.530 1.00 130.34 ? 92 LYS E CA 1 
ATOM 406 C CA . ALA F 1 1  ? -19.644 -23.476 -29.748 1.00 80.11  ? 1  ALA F CA 1 
ATOM 407 C CA . LYS F 1 2  ? -16.334 -23.292 -31.605 1.00 58.82  ? 2  LYS F CA 1 
ATOM 408 C CA . VAL F 1 3  ? -14.633 -20.456 -29.609 1.00 57.25  ? 3  VAL F CA 1 
ATOM 409 C CA . LYS F 1 4  ? -12.371 -20.337 -26.530 1.00 18.73  ? 4  LYS F CA 1 
ATOM 410 C CA . ILE F 1 5  ? -11.805 -18.099 -23.571 1.00 20.11  ? 5  ILE F CA 1 
ATOM 411 C CA . LYS F 1 6  ? -8.367  -18.320 -21.921 1.00 48.37  ? 6  LYS F CA 1 
ATOM 412 C CA . PRO F 1 7  ? -7.828  -16.191 -18.771 1.00 39.44  ? 7  PRO F CA 1 
ATOM 413 C CA . LEU F 1 8  ? -5.081  -13.584 -18.580 1.00 29.85  ? 8  LEU F CA 1 
ATOM 414 C CA . GLU F 1 9  ? -2.567  -13.150 -15.720 1.00 2.00   ? 9  GLU F CA 1 
ATOM 415 C CA . ASP F 1 10 ? -3.730  -15.194 -12.680 1.00 8.67   ? 10 ASP F CA 1 
ATOM 416 C CA . LYS F 1 11 ? -7.444  -15.208 -13.051 1.00 23.68  ? 11 LYS F CA 1 
ATOM 417 C CA . ILE F 1 12 ? -9.079  -18.638 -13.698 1.00 12.22  ? 12 ILE F CA 1 
ATOM 418 C CA . LEU F 1 13 ? -12.257 -19.986 -15.316 1.00 6.09   ? 13 LEU F CA 1 
ATOM 419 C CA . VAL F 1 14 ? -14.922 -21.655 -13.221 1.00 37.85  ? 14 VAL F CA 1 
ATOM 420 C CA . GLN F 1 15 ? -18.197 -23.309 -14.225 1.00 55.07  ? 15 GLN F CA 1 
ATOM 421 C CA . ALA F 1 16 ? -20.684 -22.405 -11.545 1.00 55.97  ? 16 ALA F CA 1 
ATOM 422 C CA . GLU F 1 35 ? -22.272 -12.282 -2.024  1.00 82.32  ? 28 GLU F CA 1 
ATOM 423 C CA . LYS F 1 36 ? -21.604 -15.817 -0.623  1.00 45.87  ? 29 LYS F CA 1 
ATOM 424 C CA . PRO F 1 37 ? -19.478 -18.788 -1.955  1.00 35.98  ? 30 PRO F CA 1 
ATOM 425 C CA . GLN F 1 38 ? -20.031 -21.167 -4.870  1.00 29.68  ? 31 GLN F CA 1 
ATOM 426 C CA . GLU F 1 39 ? -18.140 -24.433 -5.757  1.00 2.00   ? 32 GLU F CA 1 
ATOM 427 C CA . GLY F 1 40 ? -17.390 -25.015 -9.431  1.00 16.37  ? 33 GLY F CA 1 
ATOM 428 C CA . THR F 1 41 ? -14.935 -27.079 -11.497 1.00 31.96  ? 34 THR F CA 1 
ATOM 429 C CA . VAL F 1 42 ? -12.175 -25.069 -13.138 1.00 2.00   ? 35 VAL F CA 1 
ATOM 430 C CA . VAL F 1 43 ? -10.968 -24.625 -16.759 1.00 24.52  ? 36 VAL F CA 1 
ATOM 431 C CA . ALA F 1 44 ? -8.326  -21.845 -16.788 1.00 34.24  ? 37 ALA F CA 1 
ATOM 432 C CA . VAL F 1 45 ? -4.806  -22.220 -17.901 1.00 114.60 ? 38 VAL F CA 1 
ATOM 433 C CA . GLY F 1 46 ? -3.773  -19.082 -16.067 1.00 54.33  ? 39 GLY F CA 1 
ATOM 434 C CA . PRO F 1 47 ? -0.183  -18.076 -16.957 1.00 19.07  ? 40 PRO F CA 1 
ATOM 435 C CA . GLY F 1 48 ? 0.267   -16.586 -13.565 1.00 2.00   ? 41 GLY F CA 1 
ATOM 436 C CA . ARG F 1 49 ? 1.371   -12.992 -13.155 1.00 48.13  ? 42 ARG F CA 1 
ATOM 437 C CA . TRP F 1 50 ? 4.808   -11.575 -13.927 1.00 43.15  ? 43 TRP F CA 1 
ATOM 438 C CA . ASP F 1 51 ? 6.625   -11.530 -10.611 1.00 49.85  ? 44 ASP F CA 1 
ATOM 439 C CA . GLU F 1 52 ? 7.360   -7.779  -10.791 1.00 106.94 ? 45 GLU F CA 1 
ATOM 440 C CA . ASP F 1 53 ? 10.925  -9.061  -11.416 1.00 66.65  ? 46 ASP F CA 1 
ATOM 441 C CA . GLY F 1 54 ? 9.992   -8.845  -15.141 1.00 14.84  ? 47 GLY F CA 1 
ATOM 442 C CA . ALA F 1 55 ? 11.669  -12.159 -15.310 1.00 15.76  ? 48 ALA F CA 1 
ATOM 443 C CA . LYS F 1 56 ? 9.820   -15.157 -13.916 1.00 49.45  ? 49 LYS F CA 1 
ATOM 444 C CA . ARG F 1 57 ? 6.121   -15.419 -13.464 1.00 71.89  ? 50 ARG F CA 1 
ATOM 445 C CA . ILE F 1 58 ? 4.327   -16.363 -10.259 1.00 29.27  ? 51 ILE F CA 1 
ATOM 446 C CA . PRO F 1 59 ? 2.767   -19.799 -9.810  1.00 43.31  ? 52 PRO F CA 1 
ATOM 447 C CA . VAL F 1 60 ? -0.920  -20.738 -10.067 1.00 42.67  ? 53 VAL F CA 1 
ATOM 448 C CA . ASP F 1 61 ? -1.776  -23.593 -7.694  1.00 20.12  ? 54 ASP F CA 1 
ATOM 449 C CA . VAL F 1 62 ? -5.516  -23.965 -8.630  1.00 12.06  ? 55 VAL F CA 1 
ATOM 450 C CA . SER F 1 63 ? -5.240  -26.716 -11.232 1.00 19.51  ? 56 SER F CA 1 
ATOM 451 C CA . GLU F 1 64 ? -7.466  -26.941 -14.337 1.00 43.22  ? 57 GLU F CA 1 
ATOM 452 C CA . GLY F 1 65 ? -9.858  -29.653 -13.449 1.00 30.25  ? 58 GLY F CA 1 
ATOM 453 C CA . ASP F 1 66 ? -10.183 -28.937 -9.711  1.00 47.12  ? 59 ASP F CA 1 
ATOM 454 C CA . ILE F 1 67 ? -13.406 -28.556 -7.895  1.00 26.81  ? 60 ILE F CA 1 
ATOM 455 C CA . VAL F 1 68 ? -12.885 -25.085 -6.248  1.00 13.04  ? 61 VAL F CA 1 
ATOM 456 C CA . ILE F 1 69 ? -14.732 -23.042 -3.556  1.00 22.37  ? 62 ILE F CA 1 
ATOM 457 C CA . TYR F 1 70 ? -14.326 -19.320 -4.208  1.00 14.96  ? 63 TYR F CA 1 
ATOM 458 C CA . SER F 1 71 ? -15.831 -15.818 -3.701  1.00 32.70  ? 64 SER F CA 1 
ATOM 459 C CA . LYS F 1 72 ? -18.116 -14.301 -6.332  1.00 47.59  ? 65 LYS F CA 1 
ATOM 460 C CA . TYR F 1 73 ? -16.837 -10.733 -5.958  1.00 45.68  ? 66 TYR F CA 1 
ATOM 461 C CA . GLY F 1 74 ? -15.291 -9.371  -9.159  1.00 98.49  ? 67 GLY F CA 1 
ATOM 462 C CA . GLY F 1 75 ? -16.417 -12.571 -10.866 1.00 38.12  ? 68 GLY F CA 1 
ATOM 463 C CA . THR F 1 76 ? -17.194 -10.775 -14.184 1.00 37.40  ? 69 THR F CA 1 
ATOM 464 C CA . GLU F 1 77 ? -19.322 -13.836 -14.971 1.00 14.05  ? 70 GLU F CA 1 
ATOM 465 C CA . ILE F 1 78 ? -19.505 -14.813 -18.630 1.00 9.42   ? 71 ILE F CA 1 
ATOM 466 C CA . LYS F 1 79 ? -21.745 -17.210 -20.498 1.00 56.08  ? 72 LYS F CA 1 
ATOM 467 C CA . TYR F 1 80 ? -21.285 -19.672 -23.367 1.00 36.50  ? 73 TYR F CA 1 
ATOM 468 C CA . ASN F 1 81 ? -24.147 -21.894 -24.452 1.00 69.36  ? 74 ASN F CA 1 
ATOM 469 C CA . GLY F 1 82 ? -26.441 -20.905 -21.621 1.00 98.54  ? 75 GLY F CA 1 
ATOM 470 C CA . GLU F 1 83 ? -23.522 -21.744 -19.329 1.00 45.89  ? 76 GLU F CA 1 
ATOM 471 C CA . GLU F 1 84 ? -22.683 -19.651 -16.214 1.00 68.97  ? 77 GLU F CA 1 
ATOM 472 C CA . TYR F 1 85 ? -18.893 -19.243 -16.320 1.00 24.14  ? 78 TYR F CA 1 
ATOM 473 C CA . LEU F 1 86 ? -16.760 -17.138 -14.024 1.00 18.75  ? 79 LEU F CA 1 
ATOM 474 C CA . ILE F 1 87 ? -13.614 -15.211 -15.008 1.00 14.70  ? 80 ILE F CA 1 
ATOM 475 C CA . LEU F 1 88 ? -12.686 -14.668 -11.356 1.00 21.02  ? 81 LEU F CA 1 
ATOM 476 C CA . SER F 1 89 ? -9.072  -14.535 -10.025 1.00 2.00   ? 82 SER F CA 1 
ATOM 477 C CA . ALA F 1 90 ? -7.253  -17.515 -8.667  1.00 15.92  ? 83 ALA F CA 1 
ATOM 478 C CA . ARG F 1 91 ? -6.204  -15.684 -5.582  1.00 32.05  ? 84 ARG F CA 1 
ATOM 479 C CA . ASP F 1 92 ? -9.852  -15.726 -4.634  1.00 27.98  ? 85 ASP F CA 1 
ATOM 480 C CA . VAL F 1 93 ? -10.295 -19.499 -4.934  1.00 6.66   ? 86 VAL F CA 1 
ATOM 481 C CA . LEU F 1 94 ? -10.974 -20.248 -1.230  1.00 19.54  ? 87 LEU F CA 1 
ATOM 482 C CA . ALA F 1 95 ? -10.337 -23.969 -1.426  1.00 10.86  ? 88 ALA F CA 1 
ATOM 483 C CA . VAL F 1 96 ? -10.018 -26.969 -3.717  1.00 6.98   ? 89 VAL F CA 1 
ATOM 484 C CA . VAL F 1 97 ? -12.169 -30.046 -2.820  1.00 66.03  ? 90 VAL F CA 1 
ATOM 485 C CA . SER F 1 98 ? -11.339 -33.670 -3.338  1.00 68.12  ? 91 SER F CA 1 
ATOM 486 C CA . LYS F 1 99 ? -13.865 -34.832 -5.867  1.00 87.96  ? 92 LYS F CA 1 
ATOM 487 C CA . ALA G 1 1  ? -18.082 -39.430 3.305   1.00 91.38  ? 1  ALA G CA 1 
ATOM 488 C CA . LYS G 1 2  ? -15.144 -39.392 0.833   1.00 27.73  ? 2  LYS G CA 1 
ATOM 489 C CA . VAL G 1 3  ? -15.091 -35.549 0.456   1.00 191.79 ? 3  VAL G CA 1 
ATOM 490 C CA . LYS G 1 4  ? -12.165 -33.481 1.973   1.00 46.15  ? 4  LYS G CA 1 
ATOM 491 C CA . ILE G 1 5  ? -11.782 -29.670 1.513   1.00 24.85  ? 5  ILE G CA 1 
ATOM 492 C CA . LYS G 1 6  ? -8.140  -28.503 1.368   1.00 36.55  ? 6  LYS G CA 1 
ATOM 493 C CA . PRO G 1 7  ? -7.480  -24.718 1.463   1.00 15.89  ? 7  PRO G CA 1 
ATOM 494 C CA . LEU G 1 8  ? -5.313  -22.866 -0.973  1.00 12.01  ? 8  LEU G CA 1 
ATOM 495 C CA . GLU G 1 9  ? -2.873  -20.024 -0.626  1.00 20.15  ? 9  GLU G CA 1 
ATOM 496 C CA . ASP G 1 10 ? -2.712  -19.185 3.066   1.00 2.00   ? 10 ASP G CA 1 
ATOM 497 C CA . LYS G 1 11 ? -6.241  -19.935 4.001   1.00 17.95  ? 11 LYS G CA 1 
ATOM 498 C CA . ILE G 1 12 ? -6.626  -22.396 6.821   1.00 2.00   ? 12 ILE G CA 1 
ATOM 499 C CA . LEU G 1 13 ? -9.886  -24.110 7.800   1.00 21.14  ? 13 LEU G CA 1 
ATOM 500 C CA . VAL G 1 14 ? -11.213 -23.911 11.305  1.00 21.61  ? 14 VAL G CA 1 
ATOM 501 C CA . GLN G 1 15 ? -13.758 -26.082 12.998  1.00 25.59  ? 15 GLN G CA 1 
ATOM 502 C CA . ALA G 1 16 ? -15.821 -23.563 14.962  1.00 38.93  ? 16 ALA G CA 1 
ATOM 503 C CA . GLU G 1 35 ? -17.829 -10.653 14.665  1.00 69.86  ? 28 GLU G CA 1 
ATOM 504 C CA . LYS G 1 36 ? -15.732 -11.062 17.848  1.00 43.82  ? 29 LYS G CA 1 
ATOM 505 C CA . PRO G 1 37 ? -13.040 -13.725 18.667  1.00 14.71  ? 30 PRO G CA 1 
ATOM 506 C CA . GLN G 1 38 ? -13.956 -17.410 18.727  1.00 50.60  ? 31 GLN G CA 1 
ATOM 507 C CA . GLU G 1 39 ? -11.375 -20.172 19.465  1.00 29.40  ? 32 GLU G CA 1 
ATOM 508 C CA . GLY G 1 40 ? -11.336 -23.340 17.333  1.00 29.93  ? 33 GLY G CA 1 
ATOM 509 C CA . THR G 1 41 ? -9.364  -26.410 16.150  1.00 39.08  ? 34 THR G CA 1 
ATOM 510 C CA . VAL G 1 42 ? -7.611  -26.189 12.697  1.00 26.91  ? 35 VAL G CA 1 
ATOM 511 C CA . VAL G 1 43 ? -7.419  -28.762 9.811   1.00 2.00   ? 36 VAL G CA 1 
ATOM 512 C CA . ALA G 1 44 ? -5.932  -26.801 6.977   1.00 10.57  ? 37 ALA G CA 1 
ATOM 513 C CA . VAL G 1 45 ? -2.705  -27.581 5.201   1.00 91.73  ? 38 VAL G CA 1 
ATOM 514 C CA . GLY G 1 46 ? -2.405  -24.293 3.415   1.00 44.32  ? 39 GLY G CA 1 
ATOM 515 C CA . PRO G 1 47 ? 0.692   -24.491 1.224   1.00 4.80   ? 40 PRO G CA 1 
ATOM 516 C CA . GLY G 1 48 ? 1.359   -20.934 2.088   1.00 49.99  ? 41 GLY G CA 1 
ATOM 517 C CA . ARG G 1 49 ? 1.306   -18.013 -0.247  1.00 19.80  ? 42 ARG G CA 1 
ATOM 518 C CA . TRP G 1 50 ? 4.053   -17.695 -2.693  1.00 18.32  ? 43 TRP G CA 1 
ATOM 519 C CA . ASP G 1 51 ? 6.801   -15.385 -1.702  1.00 15.71  ? 44 ASP G CA 1 
ATOM 520 C CA . GLU G 1 52 ? 5.984   -12.898 -4.488  1.00 60.41  ? 45 GLU G CA 1 
ATOM 521 C CA . ASP G 1 53 ? 9.496   -13.967 -5.726  1.00 40.19  ? 46 ASP G CA 1 
ATOM 522 C CA . GLY G 1 54 ? 7.973   -16.873 -7.529  1.00 33.11  ? 47 GLY G CA 1 
ATOM 523 C CA . ALA G 1 55 ? 10.642  -19.209 -6.197  1.00 29.98  ? 48 ALA G CA 1 
ATOM 524 C CA . LYS G 1 56 ? 9.819   -19.474 -2.533  1.00 24.85  ? 49 LYS G CA 1 
ATOM 525 C CA . ARG G 1 57 ? 6.590   -19.807 -0.598  1.00 15.07  ? 50 ARG G CA 1 
ATOM 526 C CA . ILE G 1 58 ? 5.854   -17.900 2.693   1.00 40.64  ? 51 ILE G CA 1 
ATOM 527 C CA . PRO G 1 59 ? 4.744   -20.137 5.528   1.00 29.58  ? 52 PRO G CA 1 
ATOM 528 C CA . VAL G 1 60 ? 1.694   -20.824 7.640   1.00 52.37  ? 53 VAL G CA 1 
ATOM 529 C CA . ASP G 1 61 ? 2.369   -20.085 11.212  1.00 32.41  ? 54 ASP G CA 1 
ATOM 530 C CA . VAL G 1 62 ? -0.605  -22.295 12.299  1.00 2.00   ? 55 VAL G CA 1 
ATOM 531 C CA . SER G 1 63 ? -0.303  -26.092 12.510  1.00 71.77  ? 56 SER G CA 1 
ATOM 532 C CA . GLU G 1 64 ? -3.092  -28.601 11.419  1.00 14.48  ? 57 GLU G CA 1 
ATOM 533 C CA . GLY G 1 65 ? -4.535  -29.441 14.847  1.00 31.45  ? 58 GLY G CA 1 
ATOM 534 C CA . ASP G 1 66 ? -3.905  -26.377 16.958  1.00 34.94  ? 59 ASP G CA 1 
ATOM 535 C CA . ILE G 1 67 ? -6.765  -24.716 18.869  1.00 2.00   ? 60 ILE G CA 1 
ATOM 536 C CA . VAL G 1 68 ? -6.418  -21.218 17.470  1.00 13.43  ? 61 VAL G CA 1 
ATOM 537 C CA . ILE G 1 69 ? -8.273  -18.100 18.579  1.00 2.87   ? 62 ILE G CA 1 
ATOM 538 C CA . TYR G 1 70 ? -9.374  -16.045 15.582  1.00 20.52  ? 63 TYR G CA 1 
ATOM 539 C CA . SER G 1 71 ? -11.481 -13.237 14.121  1.00 10.40  ? 64 SER G CA 1 
ATOM 540 C CA . LYS G 1 72 ? -14.517 -14.435 12.190  1.00 31.76  ? 65 LYS G CA 1 
ATOM 541 C CA . TYR G 1 73 ? -14.134 -11.792 9.391   1.00 57.95  ? 66 TYR G CA 1 
ATOM 542 C CA . GLY G 1 74 ? -13.441 -13.145 5.907   1.00 26.96  ? 67 GLY G CA 1 
ATOM 543 C CA . GLY G 1 75 ? -14.938 -16.408 7.155   1.00 40.42  ? 68 GLY G CA 1 
ATOM 544 C CA . THR G 1 76 ? -16.666 -17.586 3.949   1.00 27.70  ? 69 THR G CA 1 
ATOM 545 C CA . GLU G 1 77 ? -17.884 -20.239 6.348   1.00 2.00   ? 70 GLU G CA 1 
ATOM 546 C CA . ILE G 1 78 ? -18.815 -23.593 4.920   1.00 8.25   ? 71 ILE G CA 1 
ATOM 547 C CA . LYS G 1 79 ? -20.561 -26.500 6.544   1.00 2.00   ? 72 LYS G CA 1 
ATOM 548 C CA . TYR G 1 80 ? -20.059 -30.267 6.180   1.00 7.33   ? 73 TYR G CA 1 
ATOM 549 C CA . ASN G 1 81 ? -21.988 -33.182 7.708   1.00 15.10  ? 74 ASN G CA 1 
ATOM 550 C CA . GLY G 1 82 ? -23.844 -30.742 9.847   1.00 30.80  ? 75 GLY G CA 1 
ATOM 551 C CA . GLU G 1 83 ? -20.747 -29.023 11.131  1.00 2.00   ? 76 GLU G CA 1 
ATOM 552 C CA . GLU G 1 84 ? -19.330 -25.501 11.113  1.00 48.74  ? 77 GLU G CA 1 
ATOM 553 C CA . TYR G 1 85 ? -15.860 -25.051 9.571   1.00 22.55  ? 78 TYR G CA 1 
ATOM 554 C CA . LEU G 1 86 ? -14.491 -21.662 8.617   1.00 20.58  ? 79 LEU G CA 1 
ATOM 555 C CA . ILE G 1 87 ? -12.164 -21.123 5.782   1.00 2.00   ? 80 ILE G CA 1 
ATOM 556 C CA . LEU G 1 88 ? -10.678 -18.165 7.685   1.00 42.95  ? 81 LEU G CA 1 
ATOM 557 C CA . SER G 1 89 ? -7.297  -16.847 6.520   1.00 23.26  ? 82 SER G CA 1 
ATOM 558 C CA . ALA G 1 90 ? -4.312  -17.568 8.769   1.00 27.74  ? 83 ALA G CA 1 
ATOM 559 C CA . ARG G 1 91 ? -3.369  -14.000 8.565   1.00 2.00   ? 84 ARG G CA 1 
ATOM 560 C CA . ASP G 1 92 ? -6.310  -13.351 10.814  1.00 43.20  ? 85 ASP G CA 1 
ATOM 561 C CA . VAL G 1 93 ? -5.321  -16.109 13.294  1.00 7.47   ? 86 VAL G CA 1 
ATOM 562 C CA . LEU G 1 94 ? -4.829  -14.285 16.564  1.00 18.06  ? 87 LEU G CA 1 
ATOM 563 C CA . ALA G 1 95 ? -2.828  -16.814 18.448  1.00 17.15  ? 88 ALA G CA 1 
ATOM 564 C CA . VAL G 1 96 ? -3.047  -20.518 19.419  1.00 33.14  ? 89 VAL G CA 1 
ATOM 565 C CA . VAL G 1 97 ? -3.306  -22.250 22.837  1.00 36.28  ? 90 VAL G CA 1 
ATOM 566 C CA . SER G 1 98 ? -1.668  -25.378 24.277  1.00 22.54  ? 91 SER G CA 1 
ATOM 567 C CA . LYS G 1 99 ? -4.365  -28.103 24.495  1.00 61.64  ? 92 LYS G CA 1 
# 
